data_2EGH
#
_entry.id   2EGH
#
_cell.length_a   180.590
_cell.length_b   59.115
_cell.length_c   87.050
_cell.angle_alpha   90.00
_cell.angle_beta   90.00
_cell.angle_gamma   90.00
#
_symmetry.space_group_name_H-M   'P 21 21 2'
#
loop_
_entity.id
_entity.type
_entity.pdbx_description
1 polymer '1-deoxy-D-xylulose 5-phosphate reductoisomerase'
2 non-polymer 'MAGNESIUM ION'
3 non-polymer '3-[FORMYL(HYDROXY)AMINO]PROPYLPHOSPHONIC ACID'
4 non-polymer 'NADPH DIHYDRO-NICOTINAMIDE-ADENINE-DINUCLEOTIDE PHOSPHATE'
5 water water
#
_entity_poly.entity_id   1
_entity_poly.type   'polypeptide(L)'
_entity_poly.pdbx_seq_one_letter_code
;MRGSHHHHHHGKQLTILGSTGSIGCSTLDVVRHNPEHFRVVALVAGKNVTRMVEQCLEFSPRYAVMDDEASAKLLKTMLQ
QQGSRTEVLSGQQAACDMAALEDVDQVMAAIVGAAGLLPTLAAIRAGKTILLANKESLVTCGRLFMDAVKQSKAQLLPVD
SEHNAIFQSLPQPIQHNLGYADLEQNGVVSILLTGSGGPFRETPLRDLATMTPDQACRHPNWSMGRKISVDSATMMNKGL
EYIEARWLFNASASQMEVLIHPQSVIHSMVRYQDGSVLAQLGEPDMRTPIAHTMAWPNRVNSGVKPLDFCKLSALTFAAP
DYDRYPCLKLAMEAFEQGQAATTALNAANEITVAAFLAQQIRFTDIAALNLSVLEKMDMREPQCVDDVLSVDANAREVAR
KEVMRLASSACDLGTPGRPAAKLN
;
_entity_poly.pdbx_strand_id   A,B
#
loop_
_chem_comp.id
_chem_comp.type
_chem_comp.name
_chem_comp.formula
FOM non-polymer '3-[FORMYL(HYDROXY)AMINO]PROPYLPHOSPHONIC ACID' 'C4 H10 N O5 P'
MG non-polymer 'MAGNESIUM ION' 'Mg 2'
NDP non-polymer 'NADPH DIHYDRO-NICOTINAMIDE-ADENINE-DINUCLEOTIDE PHOSPHATE' 'C21 H30 N7 O17 P3'
#
# COMPACT_ATOMS: atom_id res chain seq x y z
N GLY A 11 -5.15 -24.39 -13.31
CA GLY A 11 -5.74 -24.90 -12.03
C GLY A 11 -4.68 -25.28 -11.01
N LYS A 12 -4.62 -24.54 -9.91
CA LYS A 12 -3.64 -24.81 -8.85
C LYS A 12 -4.12 -25.99 -8.01
N GLN A 13 -3.21 -26.90 -7.71
CA GLN A 13 -3.51 -28.09 -6.90
C GLN A 13 -3.20 -27.74 -5.45
N LEU A 14 -4.15 -27.97 -4.55
CA LEU A 14 -3.84 -27.65 -3.16
C LEU A 14 -4.28 -28.67 -2.13
N THR A 15 -3.49 -28.74 -1.06
CA THR A 15 -3.77 -29.59 0.07
C THR A 15 -4.14 -28.62 1.17
N ILE A 16 -5.21 -28.92 1.89
CA ILE A 16 -5.64 -28.06 2.97
C ILE A 16 -5.35 -28.75 4.30
N LEU A 17 -4.38 -28.21 5.05
CA LEU A 17 -4.01 -28.74 6.36
C LEU A 17 -4.90 -28.02 7.38
N GLY A 18 -5.80 -28.77 8.02
CA GLY A 18 -6.73 -28.19 9.00
C GLY A 18 -7.90 -27.58 8.24
N SER A 19 -8.54 -28.39 7.40
CA SER A 19 -9.63 -27.91 6.57
C SER A 19 -10.96 -27.59 7.25
N THR A 20 -11.24 -28.29 8.34
CA THR A 20 -12.52 -28.08 9.03
C THR A 20 -12.57 -26.89 9.97
N GLY A 21 -11.45 -26.19 10.14
CA GLY A 21 -11.44 -25.04 11.03
C GLY A 21 -11.93 -23.79 10.34
N SER A 22 -11.84 -22.66 11.03
CA SER A 22 -12.29 -21.39 10.46
C SER A 22 -11.54 -21.02 9.18
N ILE A 23 -10.21 -21.00 9.26
CA ILE A 23 -9.41 -20.66 8.11
C ILE A 23 -9.66 -21.69 7.01
N GLY A 24 -9.79 -22.96 7.41
CA GLY A 24 -10.02 -24.00 6.43
C GLY A 24 -11.28 -23.79 5.62
N CYS A 25 -12.39 -23.54 6.32
CA CYS A 25 -13.67 -23.32 5.67
C CYS A 25 -13.61 -22.02 4.86
N SER A 26 -12.85 -21.04 5.35
CA SER A 26 -12.74 -19.80 4.62
C SER A 26 -11.99 -20.01 3.31
N THR A 27 -10.87 -20.74 3.35
CA THR A 27 -10.13 -20.95 2.11
C THR A 27 -10.99 -21.76 1.14
N LEU A 28 -11.80 -22.65 1.69
CA LEU A 28 -12.68 -23.47 0.86
C LEU A 28 -13.73 -22.59 0.16
N ASP A 29 -14.18 -21.53 0.83
CA ASP A 29 -15.16 -20.63 0.22
C ASP A 29 -14.51 -19.92 -0.97
N VAL A 30 -13.21 -19.64 -0.88
CA VAL A 30 -12.53 -18.99 -1.97
C VAL A 30 -12.47 -19.92 -3.17
N VAL A 31 -12.34 -21.23 -2.91
CA VAL A 31 -12.31 -22.20 -4.00
C VAL A 31 -13.69 -22.20 -4.66
N ARG A 32 -14.74 -22.20 -3.85
CA ARG A 32 -16.11 -22.19 -4.37
C ARG A 32 -16.28 -21.07 -5.37
N HIS A 33 -15.84 -19.86 -5.00
CA HIS A 33 -15.94 -18.70 -5.87
C HIS A 33 -15.06 -18.80 -7.12
N ASN A 34 -14.10 -19.70 -7.13
CA ASN A 34 -13.22 -19.83 -8.30
C ASN A 34 -12.90 -21.28 -8.60
N PRO A 35 -13.94 -22.08 -8.92
CA PRO A 35 -13.80 -23.51 -9.22
C PRO A 35 -12.75 -23.86 -10.27
N GLU A 36 -12.72 -23.12 -11.37
CA GLU A 36 -11.78 -23.38 -12.44
C GLU A 36 -10.36 -22.90 -12.14
N HIS A 37 -10.16 -22.29 -10.98
CA HIS A 37 -8.85 -21.78 -10.57
C HIS A 37 -8.12 -22.73 -9.63
N PHE A 38 -8.87 -23.40 -8.75
CA PHE A 38 -8.27 -24.31 -7.78
C PHE A 38 -8.94 -25.67 -7.73
N ARG A 39 -8.12 -26.71 -7.52
CA ARG A 39 -8.62 -28.07 -7.39
C ARG A 39 -8.13 -28.63 -6.06
N VAL A 40 -9.07 -29.01 -5.18
CA VAL A 40 -8.72 -29.58 -3.90
C VAL A 40 -8.25 -31.02 -4.08
N VAL A 41 -6.98 -31.27 -3.75
CA VAL A 41 -6.40 -32.59 -3.89
C VAL A 41 -6.46 -33.36 -2.58
N ALA A 42 -6.38 -32.67 -1.45
CA ALA A 42 -6.41 -33.33 -0.15
C ALA A 42 -6.84 -32.43 1.00
N LEU A 43 -7.67 -33.00 1.88
CA LEU A 43 -8.16 -32.30 3.06
C LEU A 43 -7.68 -33.04 4.31
N VAL A 44 -7.13 -32.30 5.26
CA VAL A 44 -6.63 -32.88 6.50
C VAL A 44 -7.26 -32.20 7.72
N ALA A 45 -7.67 -32.99 8.70
CA ALA A 45 -8.29 -32.46 9.91
C ALA A 45 -8.02 -33.33 11.14
N GLY A 46 -8.65 -32.96 12.26
CA GLY A 46 -8.45 -33.71 13.49
C GLY A 46 -9.54 -34.71 13.81
N LYS A 47 -10.69 -34.21 14.29
CA LYS A 47 -11.80 -35.08 14.66
C LYS A 47 -13.13 -34.69 14.04
N ASN A 48 -13.29 -33.42 13.65
CA ASN A 48 -14.53 -32.94 13.06
C ASN A 48 -14.80 -33.64 11.73
N VAL A 49 -15.43 -34.93 12.03
CA VAL A 49 -15.80 -35.79 10.91
C VAL A 49 -16.92 -35.14 10.10
N THR A 50 -17.94 -34.64 10.78
CA THR A 50 -19.07 -34.00 10.11
C THR A 50 -18.65 -33.06 8.99
N ARG A 51 -17.94 -31.99 9.37
CA ARG A 51 -17.47 -31.01 8.39
C ARG A 51 -16.72 -31.69 7.28
N MET A 52 -15.79 -32.57 7.64
CA MET A 52 -14.99 -33.28 6.65
C MET A 52 -15.88 -33.92 5.61
N VAL A 53 -16.90 -34.65 6.07
CA VAL A 53 -17.83 -35.32 5.15
C VAL A 53 -18.37 -34.34 4.10
N GLU A 54 -18.91 -33.22 4.56
CA GLU A 54 -19.46 -32.22 3.64
C GLU A 54 -18.44 -31.69 2.63
N GLN A 55 -17.25 -31.36 3.10
CA GLN A 55 -16.21 -30.84 2.23
C GLN A 55 -15.81 -31.87 1.18
N CYS A 56 -15.63 -33.12 1.62
CA CYS A 56 -15.24 -34.19 0.71
C CYS A 56 -16.31 -34.37 -0.38
N LEU A 57 -17.56 -34.38 0.04
CA LEU A 57 -18.69 -34.55 -0.88
C LEU A 57 -18.81 -33.40 -1.86
N GLU A 58 -18.33 -32.22 -1.45
CA GLU A 58 -18.43 -31.05 -2.30
C GLU A 58 -17.23 -30.88 -3.23
N PHE A 59 -16.03 -31.07 -2.71
CA PHE A 59 -14.84 -30.87 -3.52
C PHE A 59 -14.13 -32.11 -4.09
N SER A 60 -14.72 -33.28 -3.85
CA SER A 60 -14.17 -34.55 -4.37
C SER A 60 -12.66 -34.64 -4.25
N PRO A 61 -12.13 -34.49 -3.03
CA PRO A 61 -10.68 -34.56 -2.84
C PRO A 61 -10.16 -35.96 -3.13
N ARG A 62 -8.92 -36.04 -3.61
CA ARG A 62 -8.32 -37.33 -3.90
C ARG A 62 -8.12 -38.07 -2.59
N TYR A 63 -7.63 -37.34 -1.58
CA TYR A 63 -7.40 -37.92 -0.25
C TYR A 63 -8.01 -37.07 0.86
N ALA A 64 -8.28 -37.72 1.99
CA ALA A 64 -8.82 -37.06 3.16
C ALA A 64 -8.24 -37.80 4.36
N VAL A 65 -7.70 -37.06 5.32
CA VAL A 65 -7.12 -37.68 6.50
C VAL A 65 -7.55 -37.01 7.79
N MET A 66 -7.69 -37.82 8.84
CA MET A 66 -8.05 -37.35 10.17
C MET A 66 -6.90 -37.84 11.04
N ASP A 67 -6.42 -37.00 11.96
CA ASP A 67 -5.30 -37.40 12.81
C ASP A 67 -5.72 -38.43 13.83
N ASP A 68 -7.00 -38.40 14.18
CA ASP A 68 -7.52 -39.34 15.17
C ASP A 68 -7.95 -40.63 14.47
N GLU A 69 -7.34 -41.73 14.88
CA GLU A 69 -7.61 -43.04 14.30
C GLU A 69 -9.10 -43.39 14.28
N ALA A 70 -9.77 -43.20 15.41
CA ALA A 70 -11.20 -43.48 15.51
C ALA A 70 -11.97 -42.60 14.54
N SER A 71 -11.77 -41.28 14.68
CA SER A 71 -12.44 -40.31 13.82
C SER A 71 -12.25 -40.70 12.36
N ALA A 72 -11.06 -41.23 12.06
CA ALA A 72 -10.72 -41.64 10.70
C ALA A 72 -11.53 -42.85 10.24
N LYS A 73 -11.88 -43.72 11.17
CA LYS A 73 -12.64 -44.92 10.83
C LYS A 73 -14.08 -44.55 10.44
N LEU A 74 -14.69 -43.67 11.22
CA LEU A 74 -16.06 -43.25 10.94
C LEU A 74 -16.14 -42.62 9.56
N LEU A 75 -15.27 -41.64 9.31
CA LEU A 75 -15.23 -40.96 8.03
C LEU A 75 -14.95 -41.97 6.92
N LYS A 76 -14.10 -42.95 7.23
CA LYS A 76 -13.72 -44.00 6.28
C LYS A 76 -14.96 -44.63 5.66
N THR A 77 -15.86 -45.08 6.53
CA THR A 77 -17.10 -45.71 6.09
C THR A 77 -18.21 -44.72 5.72
N MET A 78 -18.36 -43.67 6.53
CA MET A 78 -19.39 -42.68 6.27
C MET A 78 -19.31 -42.18 4.83
N LEU A 79 -18.09 -42.00 4.33
CA LEU A 79 -17.90 -41.53 2.96
C LEU A 79 -18.06 -42.67 1.96
N GLN A 80 -17.88 -43.89 2.45
CA GLN A 80 -18.02 -45.07 1.61
C GLN A 80 -19.47 -45.16 1.15
N GLN A 81 -20.38 -45.20 2.12
CA GLN A 81 -21.80 -45.28 1.81
C GLN A 81 -22.29 -44.08 1.02
N GLN A 82 -21.82 -42.89 1.38
CA GLN A 82 -22.22 -41.66 0.70
C GLN A 82 -21.84 -41.71 -0.78
N GLY A 83 -21.23 -42.81 -1.20
CA GLY A 83 -20.82 -42.96 -2.58
C GLY A 83 -19.63 -42.10 -2.95
N SER A 84 -18.89 -41.68 -1.92
CA SER A 84 -17.71 -40.87 -2.13
C SER A 84 -16.54 -41.77 -2.51
N ARG A 85 -15.70 -41.32 -3.43
CA ARG A 85 -14.56 -42.13 -3.84
C ARG A 85 -13.24 -41.55 -3.35
N THR A 86 -13.32 -40.72 -2.31
CA THR A 86 -12.13 -40.11 -1.72
C THR A 86 -11.53 -41.13 -0.74
N GLU A 87 -10.22 -41.34 -0.81
CA GLU A 87 -9.55 -42.30 0.06
C GLU A 87 -9.24 -41.68 1.42
N VAL A 88 -9.68 -42.35 2.49
CA VAL A 88 -9.47 -41.86 3.85
C VAL A 88 -8.23 -42.48 4.52
N LEU A 89 -7.40 -41.64 5.14
CA LEU A 89 -6.18 -42.10 5.81
C LEU A 89 -6.16 -41.55 7.24
N SER A 90 -5.12 -41.86 8.00
CA SER A 90 -5.07 -41.36 9.37
C SER A 90 -3.66 -41.23 9.95
N GLY A 91 -3.52 -40.34 10.92
CA GLY A 91 -2.23 -40.15 11.56
C GLY A 91 -1.40 -39.03 10.98
N GLN A 92 -0.44 -38.58 11.78
CA GLN A 92 0.46 -37.49 11.42
C GLN A 92 1.23 -37.81 10.14
N GLN A 93 1.78 -39.02 10.08
CA GLN A 93 2.54 -39.46 8.91
C GLN A 93 1.78 -39.15 7.62
N ALA A 94 0.50 -39.53 7.60
CA ALA A 94 -0.36 -39.31 6.43
C ALA A 94 -0.55 -37.83 6.18
N ALA A 95 -0.76 -37.07 7.25
CA ALA A 95 -0.96 -35.63 7.14
C ALA A 95 0.27 -35.05 6.45
N CYS A 96 1.45 -35.47 6.91
CA CYS A 96 2.70 -34.99 6.35
C CYS A 96 2.84 -35.38 4.88
N ASP A 97 2.39 -36.57 4.52
CA ASP A 97 2.50 -37.00 3.13
C ASP A 97 1.62 -36.14 2.22
N MET A 98 0.44 -35.78 2.73
CA MET A 98 -0.49 -34.95 1.96
C MET A 98 0.14 -33.59 1.63
N ALA A 99 0.94 -33.08 2.55
CA ALA A 99 1.61 -31.79 2.39
C ALA A 99 2.75 -31.89 1.38
N ALA A 100 3.20 -33.11 1.12
CA ALA A 100 4.29 -33.35 0.18
C ALA A 100 3.88 -34.04 -1.13
N LEU A 101 2.59 -34.13 -1.42
CA LEU A 101 2.15 -34.77 -2.66
C LEU A 101 2.81 -34.14 -3.88
N GLU A 102 3.36 -34.99 -4.74
CA GLU A 102 4.06 -34.54 -5.93
C GLU A 102 3.30 -33.55 -6.82
N ASP A 103 2.00 -33.75 -6.98
CA ASP A 103 1.18 -32.89 -7.84
C ASP A 103 0.55 -31.65 -7.19
N VAL A 104 0.73 -31.50 -5.88
CA VAL A 104 0.19 -30.35 -5.16
C VAL A 104 1.07 -29.12 -5.34
N ASP A 105 0.46 -27.98 -5.65
CA ASP A 105 1.22 -26.73 -5.83
C ASP A 105 1.27 -25.92 -4.55
N GLN A 106 0.14 -25.83 -3.87
CA GLN A 106 0.12 -25.08 -2.64
C GLN A 106 -0.54 -25.81 -1.50
N VAL A 107 -0.11 -25.49 -0.29
CA VAL A 107 -0.65 -26.13 0.88
C VAL A 107 -1.00 -25.10 1.95
N MET A 108 -2.29 -25.00 2.23
CA MET A 108 -2.79 -24.11 3.25
C MET A 108 -2.42 -24.76 4.58
N ALA A 109 -1.49 -24.16 5.30
CA ALA A 109 -1.06 -24.71 6.59
C ALA A 109 -1.88 -24.01 7.67
N ALA A 110 -3.06 -24.55 7.91
CA ALA A 110 -3.99 -24.02 8.89
C ALA A 110 -4.14 -24.89 10.14
N ILE A 111 -3.23 -25.83 10.37
CA ILE A 111 -3.28 -26.65 11.58
C ILE A 111 -2.49 -25.89 12.64
N VAL A 112 -3.09 -25.71 13.82
CA VAL A 112 -2.45 -24.96 14.91
C VAL A 112 -1.70 -25.78 15.97
N GLY A 113 -0.95 -25.08 16.82
CA GLY A 113 -0.21 -25.72 17.91
C GLY A 113 0.96 -26.57 17.47
N ALA A 114 1.50 -27.34 18.41
CA ALA A 114 2.63 -28.22 18.15
C ALA A 114 2.33 -29.10 16.94
N ALA A 115 1.10 -29.59 16.84
CA ALA A 115 0.75 -30.39 15.68
C ALA A 115 0.87 -29.40 14.52
N GLY A 116 0.84 -29.84 13.28
CA GLY A 116 0.98 -28.85 12.23
C GLY A 116 2.42 -28.39 12.03
N LEU A 117 3.27 -28.60 13.02
CA LEU A 117 4.67 -28.23 12.89
C LEU A 117 5.31 -29.16 11.84
N LEU A 118 5.19 -30.48 12.02
CA LEU A 118 5.76 -31.42 11.06
C LEU A 118 5.03 -31.36 9.72
N PRO A 119 3.68 -31.24 9.74
CA PRO A 119 2.96 -31.17 8.47
C PRO A 119 3.38 -29.94 7.66
N THR A 120 3.64 -28.84 8.34
CA THR A 120 4.06 -27.63 7.63
C THR A 120 5.49 -27.81 7.14
N LEU A 121 6.34 -28.41 7.98
CA LEU A 121 7.72 -28.62 7.61
C LEU A 121 7.80 -29.57 6.42
N ALA A 122 6.87 -30.52 6.34
CA ALA A 122 6.85 -31.47 5.24
C ALA A 122 6.66 -30.70 3.94
N ALA A 123 5.78 -29.71 3.96
CA ALA A 123 5.51 -28.92 2.77
C ALA A 123 6.74 -28.10 2.39
N ILE A 124 7.41 -27.54 3.39
CA ILE A 124 8.60 -26.74 3.12
C ILE A 124 9.69 -27.60 2.46
N ARG A 125 9.91 -28.80 2.99
CA ARG A 125 10.92 -29.71 2.44
C ARG A 125 10.59 -30.22 1.04
N ALA A 126 9.33 -30.13 0.66
CA ALA A 126 8.90 -30.56 -0.67
C ALA A 126 8.93 -29.34 -1.60
N GLY A 127 9.52 -28.25 -1.11
CA GLY A 127 9.64 -27.02 -1.87
C GLY A 127 8.35 -26.43 -2.40
N LYS A 128 7.24 -26.71 -1.74
CA LYS A 128 5.96 -26.19 -2.21
C LYS A 128 5.64 -24.77 -1.76
N THR A 129 4.61 -24.20 -2.35
CA THR A 129 4.18 -22.86 -1.98
C THR A 129 3.31 -23.06 -0.74
N ILE A 130 3.70 -22.40 0.34
CA ILE A 130 2.98 -22.54 1.59
C ILE A 130 2.20 -21.31 2.04
N LEU A 131 0.89 -21.48 2.12
CA LEU A 131 -0.01 -20.42 2.58
C LEU A 131 0.08 -20.58 4.09
N LEU A 132 0.97 -19.80 4.71
CA LEU A 132 1.22 -19.92 6.14
C LEU A 132 0.12 -19.34 7.02
N ALA A 133 -0.71 -20.21 7.57
CA ALA A 133 -1.81 -19.78 8.42
C ALA A 133 -1.72 -20.30 9.85
N ASN A 134 -0.51 -20.46 10.38
CA ASN A 134 -0.35 -20.89 11.77
C ASN A 134 0.85 -20.15 12.34
N LYS A 135 0.74 -19.75 13.60
CA LYS A 135 1.79 -19.01 14.31
C LYS A 135 2.93 -19.86 14.85
N GLU A 136 2.61 -21.08 15.27
CA GLU A 136 3.59 -22.00 15.84
C GLU A 136 4.88 -22.11 15.03
N SER A 137 4.71 -22.23 13.72
CA SER A 137 5.87 -22.38 12.85
C SER A 137 6.96 -21.35 13.08
N LEU A 138 6.63 -20.06 12.96
CA LEU A 138 7.62 -19.01 13.13
C LEU A 138 7.90 -18.62 14.58
N VAL A 139 6.90 -18.76 15.45
CA VAL A 139 7.05 -18.44 16.86
C VAL A 139 7.98 -19.42 17.59
N THR A 140 7.87 -20.70 17.26
CA THR A 140 8.68 -21.72 17.92
C THR A 140 9.85 -22.24 17.09
N CYS A 141 9.69 -22.26 15.77
CA CYS A 141 10.76 -22.75 14.90
C CYS A 141 11.20 -21.73 13.86
N GLY A 142 11.15 -20.45 14.23
CA GLY A 142 11.53 -19.40 13.30
C GLY A 142 12.80 -19.64 12.51
N ARG A 143 13.91 -19.82 13.21
CA ARG A 143 15.20 -20.05 12.56
C ARG A 143 15.23 -21.33 11.74
N LEU A 144 14.77 -22.42 12.34
CA LEU A 144 14.75 -23.71 11.68
C LEU A 144 13.92 -23.67 10.41
N PHE A 145 12.72 -23.10 10.49
CA PHE A 145 11.87 -23.05 9.31
C PHE A 145 12.37 -22.11 8.22
N MET A 146 12.94 -20.97 8.61
CA MET A 146 13.43 -20.05 7.58
C MET A 146 14.69 -20.62 6.91
N ASP A 147 15.47 -21.39 7.66
CA ASP A 147 16.66 -22.00 7.06
C ASP A 147 16.14 -23.05 6.07
N ALA A 148 15.12 -23.81 6.47
CA ALA A 148 14.57 -24.84 5.60
C ALA A 148 13.95 -24.26 4.35
N VAL A 149 13.18 -23.17 4.46
CA VAL A 149 12.58 -22.58 3.28
C VAL A 149 13.66 -22.11 2.30
N LYS A 150 14.74 -21.55 2.83
CA LYS A 150 15.82 -21.07 1.97
C LYS A 150 16.48 -22.22 1.22
N GLN A 151 16.81 -23.28 1.94
CA GLN A 151 17.44 -24.45 1.38
C GLN A 151 16.56 -25.19 0.36
N SER A 152 15.29 -25.41 0.71
CA SER A 152 14.38 -26.12 -0.16
C SER A 152 13.75 -25.22 -1.22
N LYS A 153 13.98 -23.93 -1.11
CA LYS A 153 13.43 -22.98 -2.07
C LYS A 153 11.89 -22.95 -2.09
N ALA A 154 11.28 -23.07 -0.91
CA ALA A 154 9.83 -23.04 -0.83
C ALA A 154 9.39 -21.59 -0.78
N GLN A 155 8.15 -21.33 -1.17
CA GLN A 155 7.64 -19.96 -1.13
C GLN A 155 6.63 -19.83 0.00
N LEU A 156 6.92 -18.95 0.95
CA LEU A 156 6.00 -18.71 2.05
C LEU A 156 5.09 -17.54 1.66
N LEU A 157 3.80 -17.69 1.91
CA LEU A 157 2.83 -16.64 1.63
C LEU A 157 1.98 -16.54 2.90
N PRO A 158 2.29 -15.55 3.77
CA PRO A 158 1.56 -15.34 5.03
C PRO A 158 0.07 -15.02 4.90
N VAL A 159 -0.73 -15.82 5.60
CA VAL A 159 -2.18 -15.68 5.59
C VAL A 159 -2.67 -14.76 6.72
N ASP A 160 -1.92 -14.74 7.82
CA ASP A 160 -2.25 -13.87 8.96
C ASP A 160 -2.43 -12.45 8.43
N SER A 161 -3.52 -11.79 8.81
CA SER A 161 -3.85 -10.44 8.36
C SER A 161 -2.69 -9.43 8.33
N GLU A 162 -2.00 -9.28 9.46
CA GLU A 162 -0.90 -8.35 9.58
C GLU A 162 0.28 -8.71 8.67
N HIS A 163 0.74 -9.96 8.76
CA HIS A 163 1.87 -10.37 7.95
C HIS A 163 1.52 -10.30 6.46
N ASN A 164 0.25 -10.54 6.15
CA ASN A 164 -0.20 -10.49 4.77
C ASN A 164 -0.25 -9.06 4.27
N ALA A 165 -0.64 -8.14 5.15
CA ALA A 165 -0.70 -6.74 4.81
C ALA A 165 0.74 -6.26 4.57
N ILE A 166 1.66 -6.75 5.39
CA ILE A 166 3.07 -6.39 5.24
C ILE A 166 3.58 -6.92 3.88
N PHE A 167 3.29 -8.19 3.59
CA PHE A 167 3.73 -8.82 2.35
C PHE A 167 3.24 -8.02 1.14
N GLN A 168 1.95 -7.71 1.10
CA GLN A 168 1.37 -6.94 0.00
C GLN A 168 1.99 -5.55 -0.11
N SER A 169 2.59 -5.07 0.97
CA SER A 169 3.19 -3.74 0.98
C SER A 169 4.70 -3.77 0.76
N LEU A 170 5.22 -4.93 0.42
CA LEU A 170 6.65 -5.10 0.18
C LEU A 170 6.96 -5.19 -1.32
N PRO A 171 8.21 -4.86 -1.73
CA PRO A 171 8.58 -4.93 -3.14
C PRO A 171 8.75 -6.37 -3.61
N GLN A 172 8.60 -6.58 -4.91
CA GLN A 172 8.70 -7.91 -5.49
C GLN A 172 9.94 -8.75 -5.09
N PRO A 173 11.14 -8.13 -5.05
CA PRO A 173 12.36 -8.84 -4.68
C PRO A 173 12.38 -9.46 -3.29
N ILE A 174 11.65 -8.86 -2.34
CA ILE A 174 11.57 -9.38 -0.99
C ILE A 174 10.53 -10.50 -0.95
N GLN A 175 9.42 -10.30 -1.65
CA GLN A 175 8.35 -11.28 -1.72
C GLN A 175 8.85 -12.62 -2.28
N HIS A 176 9.72 -12.53 -3.29
CA HIS A 176 10.26 -13.72 -3.94
C HIS A 176 11.44 -14.39 -3.24
N ASN A 177 11.98 -13.70 -2.24
CA ASN A 177 13.11 -14.23 -1.48
C ASN A 177 12.86 -13.89 -0.01
N LEU A 178 11.61 -14.13 0.40
CA LEU A 178 11.15 -13.84 1.74
C LEU A 178 12.04 -14.42 2.84
N GLY A 179 12.45 -13.56 3.76
CA GLY A 179 13.31 -13.98 4.86
C GLY A 179 14.78 -14.00 4.52
N TYR A 180 15.07 -14.03 3.22
CA TYR A 180 16.45 -14.05 2.73
C TYR A 180 16.93 -12.67 2.26
N ALA A 181 16.13 -12.01 1.44
CA ALA A 181 16.47 -10.70 0.92
C ALA A 181 16.74 -9.69 2.02
N ASP A 182 17.57 -8.70 1.72
CA ASP A 182 17.91 -7.64 2.66
C ASP A 182 16.92 -6.50 2.49
N LEU A 183 16.42 -5.99 3.61
CA LEU A 183 15.43 -4.91 3.58
C LEU A 183 16.04 -3.59 3.14
N GLU A 184 17.13 -3.17 3.79
CA GLU A 184 17.79 -1.92 3.46
C GLU A 184 18.15 -1.82 1.98
N GLN A 185 18.73 -2.88 1.43
CA GLN A 185 19.11 -2.87 0.03
C GLN A 185 17.89 -2.71 -0.86
N ASN A 186 16.72 -3.07 -0.35
CA ASN A 186 15.51 -2.91 -1.15
C ASN A 186 14.71 -1.67 -0.76
N GLY A 187 15.40 -0.72 -0.13
CA GLY A 187 14.76 0.53 0.24
C GLY A 187 13.71 0.52 1.33
N VAL A 188 13.65 -0.55 2.12
CA VAL A 188 12.69 -0.61 3.22
C VAL A 188 13.40 -0.21 4.50
N VAL A 189 12.84 0.77 5.22
CA VAL A 189 13.45 1.19 6.47
C VAL A 189 12.86 0.42 7.65
N SER A 190 11.59 0.03 7.56
CA SER A 190 10.98 -0.72 8.65
C SER A 190 9.60 -1.30 8.38
N ILE A 191 9.21 -2.29 9.18
CA ILE A 191 7.91 -2.93 9.08
C ILE A 191 7.04 -2.40 10.22
N LEU A 192 5.88 -1.85 9.86
CA LEU A 192 4.95 -1.29 10.84
C LEU A 192 3.85 -2.30 11.18
N LEU A 193 4.07 -3.02 12.27
CA LEU A 193 3.11 -4.01 12.71
C LEU A 193 2.01 -3.31 13.51
N THR A 194 0.77 -3.38 13.03
CA THR A 194 -0.35 -2.76 13.72
C THR A 194 -1.25 -3.74 14.49
N GLY A 195 -1.90 -3.23 15.53
CA GLY A 195 -2.81 -4.02 16.35
C GLY A 195 -3.83 -3.10 17.02
N SER A 196 -5.01 -3.63 17.33
CA SER A 196 -6.08 -2.85 17.95
C SER A 196 -5.80 -2.31 19.35
N GLY A 197 -5.00 -3.03 20.13
CA GLY A 197 -4.71 -2.58 21.48
C GLY A 197 -5.66 -3.22 22.49
N GLY A 198 -6.63 -3.98 21.99
CA GLY A 198 -7.57 -4.66 22.86
C GLY A 198 -8.61 -3.79 23.54
N PRO A 199 -9.44 -4.37 24.42
CA PRO A 199 -10.50 -3.67 25.14
C PRO A 199 -10.03 -2.81 26.31
N PHE A 200 -8.79 -3.03 26.75
CA PHE A 200 -8.26 -2.29 27.90
C PHE A 200 -7.31 -1.18 27.52
N ARG A 201 -7.41 -0.72 26.28
CA ARG A 201 -6.55 0.33 25.79
C ARG A 201 -6.61 1.59 26.65
N GLU A 202 -7.80 1.91 27.17
CA GLU A 202 -7.96 3.13 27.99
C GLU A 202 -8.03 2.87 29.50
N THR A 203 -8.30 1.63 29.89
CA THR A 203 -8.41 1.24 31.29
C THR A 203 -7.26 1.71 32.19
N PRO A 204 -7.58 2.18 33.40
CA PRO A 204 -6.51 2.63 34.30
C PRO A 204 -5.66 1.39 34.63
N LEU A 205 -4.34 1.56 34.68
CA LEU A 205 -3.47 0.42 34.97
C LEU A 205 -3.86 -0.33 36.24
N ARG A 206 -4.27 0.41 37.27
CA ARG A 206 -4.67 -0.17 38.56
C ARG A 206 -5.83 -1.17 38.47
N ASP A 207 -6.69 -0.99 37.46
CA ASP A 207 -7.87 -1.84 37.26
C ASP A 207 -7.65 -3.11 36.42
N LEU A 208 -6.52 -3.22 35.76
CA LEU A 208 -6.25 -4.39 34.93
C LEU A 208 -6.30 -5.69 35.72
N ALA A 209 -5.74 -5.66 36.92
CA ALA A 209 -5.68 -6.84 37.79
C ALA A 209 -7.04 -7.48 38.12
N THR A 210 -8.12 -6.73 38.00
CA THR A 210 -9.45 -7.26 38.32
C THR A 210 -10.36 -7.49 37.12
N MET A 211 -9.83 -7.30 35.93
CA MET A 211 -10.63 -7.50 34.72
C MET A 211 -11.00 -8.97 34.65
N THR A 212 -12.23 -9.25 34.23
CA THR A 212 -12.72 -10.63 34.12
C THR A 212 -12.51 -11.18 32.71
N PRO A 213 -12.66 -12.50 32.55
CA PRO A 213 -12.50 -13.13 31.24
C PRO A 213 -13.47 -12.55 30.23
N ASP A 214 -14.74 -12.39 30.61
CA ASP A 214 -15.71 -11.83 29.67
C ASP A 214 -15.28 -10.45 29.20
N GLN A 215 -14.76 -9.66 30.13
CA GLN A 215 -14.29 -8.33 29.81
C GLN A 215 -13.09 -8.43 28.87
N ALA A 216 -12.18 -9.35 29.14
CA ALA A 216 -10.99 -9.51 28.30
C ALA A 216 -11.34 -9.99 26.89
N CYS A 217 -12.34 -10.87 26.78
CA CYS A 217 -12.75 -11.41 25.49
C CYS A 217 -13.75 -10.53 24.75
N ARG A 218 -13.81 -9.26 25.11
CA ARG A 218 -14.73 -8.34 24.47
C ARG A 218 -13.99 -7.68 23.31
N HIS A 219 -14.43 -7.98 22.08
CA HIS A 219 -13.79 -7.44 20.87
C HIS A 219 -14.79 -7.01 19.80
N PRO A 220 -14.51 -5.88 19.13
CA PRO A 220 -15.35 -5.31 18.07
C PRO A 220 -15.08 -5.86 16.67
N ASN A 221 -13.87 -5.58 16.18
CA ASN A 221 -13.43 -5.99 14.85
C ASN A 221 -13.61 -7.47 14.51
N TRP A 222 -12.54 -8.24 14.64
CA TRP A 222 -12.57 -9.67 14.33
C TRP A 222 -13.29 -10.47 15.41
N SER A 223 -13.96 -11.54 15.02
CA SER A 223 -14.68 -12.39 15.97
C SER A 223 -13.92 -13.71 16.14
N MET A 224 -12.78 -13.63 16.80
CA MET A 224 -11.90 -14.77 17.07
C MET A 224 -12.32 -15.46 18.36
N GLY A 225 -11.64 -16.55 18.70
CA GLY A 225 -11.95 -17.29 19.91
C GLY A 225 -11.54 -16.54 21.17
N ARG A 226 -11.80 -17.13 22.34
CA ARG A 226 -11.46 -16.50 23.60
C ARG A 226 -9.94 -16.43 23.85
N LYS A 227 -9.23 -17.49 23.46
CA LYS A 227 -7.77 -17.50 23.66
C LYS A 227 -7.09 -16.36 22.91
N ILE A 228 -7.50 -16.14 21.66
CA ILE A 228 -6.91 -15.08 20.85
C ILE A 228 -7.38 -13.70 21.29
N SER A 229 -8.59 -13.61 21.85
CA SER A 229 -9.11 -12.33 22.31
C SER A 229 -8.30 -11.84 23.50
N VAL A 230 -7.93 -12.77 24.39
CA VAL A 230 -7.14 -12.45 25.57
C VAL A 230 -5.75 -12.02 25.11
N ASP A 231 -5.19 -12.74 24.13
CA ASP A 231 -3.87 -12.41 23.61
C ASP A 231 -3.91 -11.01 23.02
N SER A 232 -5.07 -10.61 22.53
CA SER A 232 -5.22 -9.29 21.96
C SER A 232 -5.31 -8.24 23.08
N ALA A 233 -5.84 -8.64 24.25
CA ALA A 233 -5.97 -7.71 25.37
C ALA A 233 -4.62 -7.46 26.08
N THR A 234 -3.75 -8.47 26.08
CA THR A 234 -2.43 -8.34 26.70
C THR A 234 -1.43 -7.89 25.64
N MET A 235 -1.84 -8.05 24.39
CA MET A 235 -1.03 -7.75 23.22
C MET A 235 0.09 -8.76 23.06
N MET A 236 -0.14 -9.96 23.60
CA MET A 236 0.81 -11.05 23.48
C MET A 236 0.71 -11.46 22.01
N ASN A 237 -0.49 -11.30 21.45
CA ASN A 237 -0.73 -11.62 20.06
C ASN A 237 0.21 -10.82 19.19
N LYS A 238 0.30 -9.52 19.47
CA LYS A 238 1.19 -8.66 18.70
C LYS A 238 2.63 -9.07 19.01
N GLY A 239 2.86 -9.52 20.24
CA GLY A 239 4.19 -9.95 20.62
C GLY A 239 4.63 -11.14 19.77
N LEU A 240 3.71 -12.07 19.59
CA LEU A 240 3.99 -13.26 18.81
C LEU A 240 4.15 -12.91 17.34
N GLU A 241 3.34 -11.95 16.85
CA GLU A 241 3.43 -11.56 15.45
C GLU A 241 4.73 -10.79 15.20
N TYR A 242 5.28 -10.25 16.28
CA TYR A 242 6.55 -9.51 16.22
C TYR A 242 7.66 -10.52 16.00
N ILE A 243 7.65 -11.59 16.78
CA ILE A 243 8.64 -12.65 16.67
C ILE A 243 8.61 -13.15 15.24
N GLU A 244 7.40 -13.47 14.78
CA GLU A 244 7.20 -13.99 13.43
C GLU A 244 7.73 -13.07 12.34
N ALA A 245 7.33 -11.81 12.41
CA ALA A 245 7.72 -10.82 11.42
C ALA A 245 9.24 -10.74 11.23
N ARG A 246 9.99 -10.65 12.33
CA ARG A 246 11.43 -10.55 12.24
C ARG A 246 12.06 -11.73 11.46
N TRP A 247 11.57 -12.95 11.71
CA TRP A 247 12.08 -14.13 11.01
C TRP A 247 11.62 -14.13 9.55
N LEU A 248 10.34 -13.89 9.36
CA LEU A 248 9.72 -13.87 8.04
C LEU A 248 10.23 -12.79 7.10
N PHE A 249 10.43 -11.58 7.61
CA PHE A 249 10.88 -10.51 6.75
C PHE A 249 12.35 -10.14 6.88
N ASN A 250 13.09 -10.89 7.69
CA ASN A 250 14.52 -10.65 7.91
C ASN A 250 14.73 -9.23 8.46
N ALA A 251 13.99 -8.89 9.51
CA ALA A 251 14.08 -7.56 10.13
C ALA A 251 14.73 -7.55 11.50
N SER A 252 15.60 -6.57 11.72
CA SER A 252 16.27 -6.39 13.00
C SER A 252 15.29 -5.67 13.94
N ALA A 253 15.71 -5.43 15.18
CA ALA A 253 14.85 -4.75 16.15
C ALA A 253 14.50 -3.34 15.69
N SER A 254 15.49 -2.65 15.13
CA SER A 254 15.28 -1.28 14.66
C SER A 254 14.45 -1.21 13.39
N GLN A 255 14.22 -2.35 12.74
CA GLN A 255 13.42 -2.37 11.52
C GLN A 255 11.98 -2.76 11.81
N MET A 256 11.63 -2.79 13.09
CA MET A 256 10.28 -3.14 13.52
C MET A 256 9.68 -1.99 14.31
N GLU A 257 8.40 -1.71 14.03
CA GLU A 257 7.66 -0.67 14.72
C GLU A 257 6.29 -1.24 15.06
N VAL A 258 5.89 -1.15 16.31
CA VAL A 258 4.58 -1.65 16.69
C VAL A 258 3.68 -0.46 16.98
N LEU A 259 2.51 -0.43 16.34
CA LEU A 259 1.56 0.66 16.52
C LEU A 259 0.16 0.21 16.86
N ILE A 260 -0.50 0.97 17.72
CA ILE A 260 -1.88 0.68 18.09
C ILE A 260 -2.73 1.45 17.08
N HIS A 261 -3.67 0.74 16.47
CA HIS A 261 -4.61 1.33 15.51
C HIS A 261 -5.92 0.66 15.92
N PRO A 262 -6.67 1.31 16.83
CA PRO A 262 -7.95 0.80 17.34
C PRO A 262 -9.02 0.39 16.34
N GLN A 263 -9.09 1.07 15.20
CA GLN A 263 -10.11 0.74 14.22
C GLN A 263 -9.80 -0.48 13.35
N SER A 264 -8.57 -0.96 13.40
CA SER A 264 -8.16 -2.12 12.61
C SER A 264 -8.57 -2.05 11.14
N VAL A 265 -8.57 -0.85 10.55
CA VAL A 265 -8.92 -0.75 9.14
C VAL A 265 -7.63 -1.03 8.38
N ILE A 266 -6.57 -0.35 8.77
CA ILE A 266 -5.25 -0.59 8.17
C ILE A 266 -4.78 -1.86 8.88
N HIS A 267 -4.29 -2.83 8.11
CA HIS A 267 -3.86 -4.09 8.69
C HIS A 267 -2.39 -4.20 9.06
N SER A 268 -1.58 -3.26 8.56
CA SER A 268 -0.14 -3.13 8.81
C SER A 268 0.46 -2.37 7.62
N MET A 269 1.72 -1.93 7.75
CA MET A 269 2.35 -1.14 6.70
C MET A 269 3.87 -1.35 6.62
N VAL A 270 4.49 -0.70 5.64
CA VAL A 270 5.94 -0.78 5.41
C VAL A 270 6.50 0.62 5.09
N ARG A 271 7.46 1.06 5.90
CA ARG A 271 8.08 2.38 5.73
C ARG A 271 9.30 2.30 4.79
N TYR A 272 9.30 3.12 3.74
CA TYR A 272 10.40 3.12 2.78
C TYR A 272 11.38 4.27 2.92
N GLN A 273 12.48 4.14 2.18
CA GLN A 273 13.57 5.09 2.17
C GLN A 273 13.23 6.51 1.75
N ASP A 274 12.37 6.66 0.74
CA ASP A 274 12.02 8.00 0.29
C ASP A 274 10.92 8.69 1.12
N GLY A 275 10.47 8.03 2.18
CA GLY A 275 9.44 8.60 3.02
C GLY A 275 8.07 7.97 2.78
N SER A 276 7.95 7.20 1.72
CA SER A 276 6.69 6.54 1.38
C SER A 276 6.37 5.48 2.42
N VAL A 277 5.08 5.35 2.75
CA VAL A 277 4.62 4.31 3.65
C VAL A 277 3.53 3.59 2.87
N LEU A 278 3.70 2.29 2.65
CA LEU A 278 2.71 1.51 1.90
C LEU A 278 1.90 0.69 2.89
N ALA A 279 0.59 0.63 2.66
CA ALA A 279 -0.28 -0.09 3.57
C ALA A 279 -1.38 -0.86 2.86
N GLN A 280 -1.94 -1.83 3.58
CA GLN A 280 -3.04 -2.63 3.07
C GLN A 280 -4.20 -2.43 4.03
N LEU A 281 -5.34 -2.04 3.49
CA LEU A 281 -6.55 -1.85 4.27
C LEU A 281 -7.57 -2.86 3.78
N GLY A 282 -8.59 -3.12 4.59
CA GLY A 282 -9.64 -4.04 4.21
C GLY A 282 -10.61 -4.33 5.34
N GLU A 283 -11.56 -5.23 5.07
CA GLU A 283 -12.55 -5.63 6.05
C GLU A 283 -11.92 -6.73 6.90
N PRO A 284 -12.43 -6.93 8.13
CA PRO A 284 -11.92 -7.95 9.04
C PRO A 284 -12.42 -9.33 8.61
N ASP A 285 -12.09 -9.72 7.39
CA ASP A 285 -12.52 -10.99 6.83
C ASP A 285 -11.30 -11.73 6.28
N MET A 286 -11.02 -12.90 6.83
CA MET A 286 -9.86 -13.67 6.42
C MET A 286 -9.85 -14.15 4.97
N ARG A 287 -11.01 -14.17 4.32
CA ARG A 287 -11.05 -14.60 2.94
C ARG A 287 -10.19 -13.69 2.05
N THR A 288 -9.98 -12.46 2.48
CA THR A 288 -9.17 -11.52 1.69
C THR A 288 -7.69 -11.95 1.66
N PRO A 289 -7.06 -12.06 2.85
CA PRO A 289 -5.64 -12.48 2.83
C PRO A 289 -5.46 -13.88 2.25
N ILE A 290 -6.43 -14.74 2.53
CA ILE A 290 -6.39 -16.11 2.01
C ILE A 290 -6.41 -16.09 0.48
N ALA A 291 -7.38 -15.38 -0.09
CA ALA A 291 -7.51 -15.30 -1.55
C ALA A 291 -6.27 -14.64 -2.16
N HIS A 292 -5.70 -13.68 -1.45
CA HIS A 292 -4.49 -13.02 -1.93
C HIS A 292 -3.35 -14.05 -2.07
N THR A 293 -3.14 -14.87 -1.06
CA THR A 293 -2.06 -15.86 -1.12
C THR A 293 -2.36 -16.93 -2.19
N MET A 294 -3.61 -17.34 -2.28
CA MET A 294 -4.02 -18.34 -3.26
C MET A 294 -3.81 -17.90 -4.72
N ALA A 295 -4.12 -16.64 -5.02
CA ALA A 295 -3.99 -16.12 -6.39
C ALA A 295 -2.63 -15.49 -6.72
N TRP A 296 -1.91 -15.02 -5.70
CA TRP A 296 -0.61 -14.38 -5.89
C TRP A 296 0.19 -15.05 -7.02
N PRO A 297 0.79 -14.25 -7.91
CA PRO A 297 0.78 -12.78 -7.94
C PRO A 297 -0.43 -12.15 -8.64
N ASN A 298 -1.48 -12.92 -8.83
CA ASN A 298 -2.68 -12.40 -9.45
C ASN A 298 -3.74 -12.26 -8.36
N ARG A 299 -4.96 -11.92 -8.77
CA ARG A 299 -6.03 -11.72 -7.82
C ARG A 299 -7.27 -12.50 -8.18
N VAL A 300 -8.07 -12.78 -7.16
CA VAL A 300 -9.29 -13.54 -7.30
C VAL A 300 -10.39 -12.98 -6.40
N ASN A 301 -11.64 -13.15 -6.82
CA ASN A 301 -12.77 -12.69 -6.02
C ASN A 301 -12.85 -13.59 -4.79
N SER A 302 -13.09 -12.99 -3.63
CA SER A 302 -13.15 -13.73 -2.37
C SER A 302 -14.52 -13.67 -1.71
N GLY A 303 -15.46 -12.98 -2.34
CA GLY A 303 -16.79 -12.86 -1.77
C GLY A 303 -16.86 -11.84 -0.65
N VAL A 304 -15.72 -11.20 -0.36
CA VAL A 304 -15.66 -10.20 0.70
C VAL A 304 -16.17 -8.88 0.13
N LYS A 305 -17.03 -8.20 0.87
CA LYS A 305 -17.56 -6.93 0.40
C LYS A 305 -16.50 -5.83 0.43
N PRO A 306 -16.51 -4.95 -0.58
CA PRO A 306 -15.52 -3.86 -0.65
C PRO A 306 -15.63 -2.91 0.54
N LEU A 307 -14.48 -2.45 1.01
CA LEU A 307 -14.41 -1.53 2.14
C LEU A 307 -15.07 -0.21 1.76
N ASP A 308 -16.03 0.23 2.58
CA ASP A 308 -16.76 1.47 2.33
C ASP A 308 -16.11 2.59 3.16
N PHE A 309 -15.29 3.42 2.52
CA PHE A 309 -14.62 4.50 3.25
C PHE A 309 -15.54 5.55 3.85
N CYS A 310 -16.80 5.57 3.42
CA CYS A 310 -17.74 6.56 3.96
C CYS A 310 -18.47 6.05 5.19
N LYS A 311 -18.13 4.84 5.63
CA LYS A 311 -18.77 4.25 6.80
C LYS A 311 -17.72 3.75 7.78
N LEU A 312 -16.70 4.58 7.99
CA LEU A 312 -15.60 4.25 8.88
C LEU A 312 -15.53 5.20 10.06
N SER A 313 -14.97 4.70 11.15
CA SER A 313 -14.73 5.52 12.33
C SER A 313 -13.43 6.21 11.97
N ALA A 314 -13.15 7.37 12.57
CA ALA A 314 -11.90 8.07 12.29
C ALA A 314 -10.71 7.16 12.64
N LEU A 315 -9.72 7.09 11.75
CA LEU A 315 -8.55 6.25 11.98
C LEU A 315 -7.50 6.94 12.85
N THR A 316 -7.15 6.31 13.97
CA THR A 316 -6.16 6.87 14.89
C THR A 316 -5.02 5.88 15.12
N PHE A 317 -3.93 6.37 15.71
CA PHE A 317 -2.76 5.56 15.99
C PHE A 317 -2.14 5.98 17.31
N ALA A 318 -1.33 5.10 17.90
CA ALA A 318 -0.67 5.41 19.16
C ALA A 318 0.45 4.41 19.41
N ALA A 319 1.43 4.83 20.21
CA ALA A 319 2.53 3.96 20.56
C ALA A 319 2.10 3.15 21.79
N PRO A 320 2.36 1.83 21.80
CA PRO A 320 1.96 1.03 22.97
C PRO A 320 2.82 1.32 24.20
N ASP A 321 2.20 1.26 25.38
CA ASP A 321 2.91 1.50 26.63
C ASP A 321 3.19 0.12 27.24
N TYR A 322 4.46 -0.19 27.43
CA TYR A 322 4.85 -1.49 27.99
C TYR A 322 4.33 -1.77 29.40
N ASP A 323 4.07 -0.72 30.17
CA ASP A 323 3.52 -0.90 31.52
C ASP A 323 2.11 -1.46 31.35
N ARG A 324 1.48 -1.08 30.25
CA ARG A 324 0.13 -1.55 29.96
C ARG A 324 0.14 -2.91 29.25
N TYR A 325 1.16 -3.15 28.41
CA TYR A 325 1.26 -4.40 27.68
C TYR A 325 2.60 -5.10 27.92
N PRO A 326 2.87 -5.50 29.17
CA PRO A 326 4.15 -6.18 29.40
C PRO A 326 4.41 -7.41 28.53
N CYS A 327 3.36 -8.12 28.12
CA CYS A 327 3.54 -9.30 27.27
C CYS A 327 4.22 -8.93 25.96
N LEU A 328 3.89 -7.75 25.44
CA LEU A 328 4.46 -7.26 24.19
C LEU A 328 5.97 -7.17 24.33
N LYS A 329 6.41 -6.51 25.40
CA LYS A 329 7.84 -6.35 25.66
C LYS A 329 8.50 -7.69 25.91
N LEU A 330 7.79 -8.57 26.62
CA LEU A 330 8.31 -9.89 26.91
C LEU A 330 8.64 -10.64 25.62
N ALA A 331 7.73 -10.57 24.66
CA ALA A 331 7.93 -11.22 23.38
C ALA A 331 9.16 -10.67 22.67
N MET A 332 9.34 -9.35 22.74
CA MET A 332 10.49 -8.71 22.10
C MET A 332 11.80 -9.15 22.75
N GLU A 333 11.80 -9.27 24.06
CA GLU A 333 12.99 -9.71 24.76
C GLU A 333 13.25 -11.19 24.48
N ALA A 334 12.20 -11.99 24.50
CA ALA A 334 12.36 -13.43 24.23
C ALA A 334 13.03 -13.66 22.87
N PHE A 335 12.74 -12.80 21.89
CA PHE A 335 13.35 -12.98 20.58
C PHE A 335 14.87 -12.93 20.66
N GLU A 336 15.40 -12.02 21.47
CA GLU A 336 16.84 -11.89 21.59
C GLU A 336 17.49 -13.10 22.28
N GLN A 337 16.70 -13.86 23.03
CA GLN A 337 17.19 -15.05 23.73
C GLN A 337 17.16 -16.32 22.88
N GLY A 338 16.53 -16.27 21.72
CA GLY A 338 16.50 -17.47 20.89
C GLY A 338 15.19 -18.21 20.83
N GLN A 339 15.17 -19.27 20.03
CA GLN A 339 13.98 -20.09 19.84
C GLN A 339 13.49 -20.75 21.12
N ALA A 340 14.42 -21.12 21.99
CA ALA A 340 14.02 -21.74 23.25
C ALA A 340 13.12 -20.75 24.00
N ALA A 341 13.54 -19.49 24.07
CA ALA A 341 12.80 -18.44 24.75
C ALA A 341 11.41 -18.20 24.16
N THR A 342 11.35 -17.95 22.86
CA THR A 342 10.07 -17.70 22.20
C THR A 342 9.18 -18.92 22.32
N THR A 343 9.74 -20.11 22.14
CA THR A 343 8.94 -21.32 22.25
C THR A 343 8.36 -21.41 23.65
N ALA A 344 9.22 -21.22 24.66
CA ALA A 344 8.79 -21.28 26.05
C ALA A 344 7.74 -20.21 26.37
N LEU A 345 7.93 -19.00 25.84
CA LEU A 345 6.99 -17.91 26.10
C LEU A 345 5.63 -18.32 25.54
N ASN A 346 5.62 -18.82 24.32
CA ASN A 346 4.39 -19.24 23.66
C ASN A 346 3.66 -20.31 24.47
N ALA A 347 4.42 -21.29 24.95
CA ALA A 347 3.86 -22.38 25.71
C ALA A 347 3.26 -21.89 27.03
N ALA A 348 4.06 -21.15 27.81
CA ALA A 348 3.62 -20.64 29.09
C ALA A 348 2.33 -19.86 28.92
N ASN A 349 2.32 -19.00 27.92
CA ASN A 349 1.15 -18.19 27.62
C ASN A 349 -0.11 -19.01 27.35
N GLU A 350 0.04 -20.16 26.69
CA GLU A 350 -1.13 -21.00 26.43
C GLU A 350 -1.68 -21.46 27.77
N ILE A 351 -0.78 -21.85 28.66
CA ILE A 351 -1.16 -22.31 29.99
C ILE A 351 -1.79 -21.19 30.84
N THR A 352 -1.15 -20.02 30.89
CA THR A 352 -1.65 -18.92 31.71
C THR A 352 -2.97 -18.34 31.21
N VAL A 353 -3.11 -18.17 29.90
CA VAL A 353 -4.37 -17.65 29.37
C VAL A 353 -5.51 -18.62 29.73
N ALA A 354 -5.26 -19.91 29.56
CA ALA A 354 -6.26 -20.91 29.89
C ALA A 354 -6.58 -20.85 31.39
N ALA A 355 -5.56 -20.68 32.21
CA ALA A 355 -5.76 -20.60 33.64
C ALA A 355 -6.58 -19.34 33.95
N PHE A 356 -6.26 -18.24 33.27
CA PHE A 356 -7.01 -17.00 33.48
C PHE A 356 -8.47 -17.21 33.08
N LEU A 357 -8.68 -17.82 31.92
CA LEU A 357 -10.03 -18.07 31.44
C LEU A 357 -10.85 -18.94 32.38
N ALA A 358 -10.17 -19.83 33.11
CA ALA A 358 -10.81 -20.75 34.06
C ALA A 358 -10.92 -20.05 35.40
N GLN A 359 -10.56 -18.78 35.44
CA GLN A 359 -10.63 -18.00 36.66
C GLN A 359 -9.75 -18.57 37.76
N GLN A 360 -8.54 -19.00 37.39
CA GLN A 360 -7.61 -19.55 38.37
C GLN A 360 -6.56 -18.50 38.73
N ILE A 361 -6.41 -17.50 37.86
CA ILE A 361 -5.43 -16.43 38.08
C ILE A 361 -6.01 -15.10 37.56
N ARG A 362 -5.40 -14.00 37.96
CA ARG A 362 -5.84 -12.68 37.54
C ARG A 362 -5.38 -12.40 36.11
N PHE A 363 -5.99 -11.42 35.47
CA PHE A 363 -5.62 -11.03 34.11
C PHE A 363 -4.15 -10.62 34.07
N THR A 364 -3.70 -9.91 35.11
CA THR A 364 -2.31 -9.48 35.19
C THR A 364 -1.34 -10.60 35.57
N ASP A 365 -1.88 -11.75 35.99
CA ASP A 365 -1.03 -12.89 36.34
C ASP A 365 -0.50 -13.55 35.06
N ILE A 366 -1.14 -13.26 33.93
CA ILE A 366 -0.69 -13.82 32.66
C ILE A 366 0.74 -13.34 32.35
N ALA A 367 0.95 -12.04 32.29
CA ALA A 367 2.26 -11.49 32.01
C ALA A 367 3.26 -11.89 33.10
N ALA A 368 2.81 -11.85 34.35
CA ALA A 368 3.66 -12.19 35.49
C ALA A 368 4.15 -13.65 35.45
N LEU A 369 3.25 -14.59 35.20
CA LEU A 369 3.64 -15.99 35.14
C LEU A 369 4.45 -16.28 33.87
N ASN A 370 4.06 -15.66 32.76
CA ASN A 370 4.81 -15.88 31.52
C ASN A 370 6.27 -15.46 31.80
N LEU A 371 6.46 -14.31 32.43
CA LEU A 371 7.81 -13.86 32.74
C LEU A 371 8.51 -14.87 33.65
N SER A 372 7.84 -15.26 34.71
CA SER A 372 8.41 -16.21 35.67
C SER A 372 8.84 -17.55 35.04
N VAL A 373 8.06 -18.03 34.08
CA VAL A 373 8.41 -19.29 33.41
C VAL A 373 9.72 -19.10 32.64
N LEU A 374 9.80 -18.00 31.89
CA LEU A 374 10.99 -17.71 31.12
C LEU A 374 12.22 -17.55 32.03
N GLU A 375 12.00 -17.03 33.23
CA GLU A 375 13.10 -16.82 34.18
C GLU A 375 13.64 -18.13 34.74
N LYS A 376 12.83 -19.17 34.72
CA LYS A 376 13.26 -20.45 35.26
C LYS A 376 13.71 -21.48 34.21
N MET A 377 13.38 -21.21 32.95
CA MET A 377 13.76 -22.11 31.86
C MET A 377 15.26 -22.14 31.62
N ASP A 378 15.76 -23.33 31.28
CA ASP A 378 17.18 -23.53 31.00
C ASP A 378 17.33 -23.48 29.48
N MET A 379 17.47 -22.28 28.95
CA MET A 379 17.60 -22.10 27.51
C MET A 379 18.71 -22.92 26.85
N ARG A 380 18.31 -23.73 25.87
CA ARG A 380 19.20 -24.58 25.09
C ARG A 380 18.61 -24.60 23.69
N GLU A 381 19.13 -23.72 22.83
CA GLU A 381 18.63 -23.61 21.47
C GLU A 381 18.34 -24.92 20.76
N PRO A 382 17.06 -25.15 20.42
CA PRO A 382 16.65 -26.38 19.73
C PRO A 382 17.39 -26.52 18.41
N GLN A 383 17.58 -27.76 17.96
CA GLN A 383 18.29 -28.03 16.71
C GLN A 383 17.40 -28.72 15.68
N CYS A 384 16.16 -28.97 16.08
CA CYS A 384 15.18 -29.62 15.21
C CYS A 384 13.84 -29.46 15.90
N VAL A 385 12.76 -29.82 15.22
CA VAL A 385 11.42 -29.68 15.80
C VAL A 385 11.23 -30.53 17.04
N ASP A 386 11.91 -31.67 17.10
CA ASP A 386 11.77 -32.52 18.26
C ASP A 386 12.34 -31.83 19.49
N ASP A 387 13.38 -31.02 19.30
CA ASP A 387 13.97 -30.29 20.42
C ASP A 387 12.98 -29.18 20.81
N VAL A 388 12.36 -28.57 19.81
CA VAL A 388 11.38 -27.51 20.02
C VAL A 388 10.22 -28.08 20.84
N LEU A 389 9.74 -29.26 20.43
CA LEU A 389 8.63 -29.89 21.13
C LEU A 389 8.96 -30.17 22.59
N SER A 390 10.22 -30.46 22.87
CA SER A 390 10.65 -30.76 24.22
C SER A 390 10.66 -29.49 25.06
N VAL A 391 11.09 -28.37 24.48
CA VAL A 391 11.10 -27.09 25.19
C VAL A 391 9.64 -26.72 25.51
N ASP A 392 8.76 -26.95 24.54
CA ASP A 392 7.33 -26.65 24.69
C ASP A 392 6.73 -27.41 25.86
N ALA A 393 6.87 -28.73 25.83
CA ALA A 393 6.36 -29.59 26.88
C ALA A 393 6.90 -29.16 28.24
N ASN A 394 8.20 -28.88 28.30
CA ASN A 394 8.85 -28.46 29.55
C ASN A 394 8.36 -27.12 30.09
N ALA A 395 8.17 -26.15 29.20
CA ALA A 395 7.69 -24.83 29.61
C ALA A 395 6.23 -24.93 30.04
N ARG A 396 5.50 -25.82 29.38
CA ARG A 396 4.09 -26.04 29.66
C ARG A 396 3.95 -26.58 31.08
N GLU A 397 4.83 -27.52 31.45
CA GLU A 397 4.79 -28.08 32.79
C GLU A 397 5.20 -27.04 33.84
N VAL A 398 6.27 -26.31 33.57
CA VAL A 398 6.73 -25.27 34.51
C VAL A 398 5.62 -24.25 34.76
N ALA A 399 4.88 -23.93 33.72
CA ALA A 399 3.80 -22.97 33.82
C ALA A 399 2.63 -23.50 34.65
N ARG A 400 2.24 -24.76 34.42
CA ARG A 400 1.13 -25.36 35.15
C ARG A 400 1.39 -25.34 36.67
N LYS A 401 2.66 -25.48 37.04
CA LYS A 401 3.03 -25.49 38.45
C LYS A 401 2.95 -24.09 39.04
N GLU A 402 3.31 -23.09 38.23
CA GLU A 402 3.23 -21.72 38.72
C GLU A 402 1.76 -21.37 38.91
N VAL A 403 0.90 -21.88 38.04
CA VAL A 403 -0.52 -21.62 38.16
C VAL A 403 -1.04 -22.28 39.44
N MET A 404 -0.67 -23.54 39.63
CA MET A 404 -1.11 -24.28 40.82
C MET A 404 -0.54 -23.64 42.08
N ARG A 405 0.73 -23.24 42.03
CA ARG A 405 1.38 -22.59 43.18
C ARG A 405 0.62 -21.33 43.57
N LEU A 406 0.13 -20.62 42.56
CA LEU A 406 -0.59 -19.37 42.75
C LEU A 406 -2.03 -19.56 43.19
N ALA A 407 -2.68 -20.60 42.68
CA ALA A 407 -4.07 -20.86 43.03
C ALA A 407 -4.20 -21.56 44.39
N SER A 408 -3.11 -22.19 44.82
CA SER A 408 -3.09 -22.91 46.09
C SER A 408 -2.80 -22.02 47.30
N SER A 409 -1.52 -21.72 47.52
CA SER A 409 -1.10 -20.90 48.65
C SER A 409 -0.42 -19.60 48.25
N ALA A 410 0.68 -19.72 47.50
CA ALA A 410 1.45 -18.57 47.05
C ALA A 410 0.59 -17.48 46.43
N GLY B 11 25.23 5.36 -12.68
CA GLY B 11 24.27 6.47 -12.36
C GLY B 11 23.42 6.82 -13.56
N LYS B 12 22.19 7.28 -13.32
CA LYS B 12 21.28 7.66 -14.39
C LYS B 12 21.50 9.10 -14.83
N GLN B 13 21.46 9.34 -16.14
CA GLN B 13 21.63 10.68 -16.68
C GLN B 13 20.28 11.29 -16.89
N LEU B 14 20.08 12.51 -16.40
CA LEU B 14 18.78 13.13 -16.59
C LEU B 14 18.77 14.52 -17.18
N THR B 15 17.61 14.84 -17.75
CA THR B 15 17.37 16.14 -18.30
C THR B 15 16.18 16.63 -17.48
N ILE B 16 16.33 17.81 -16.90
CA ILE B 16 15.26 18.37 -16.09
C ILE B 16 14.56 19.50 -16.85
N LEU B 17 13.34 19.24 -17.27
CA LEU B 17 12.53 20.21 -18.00
C LEU B 17 11.81 21.05 -16.92
N GLY B 18 12.15 22.33 -16.84
CA GLY B 18 11.54 23.20 -15.84
C GLY B 18 12.30 23.03 -14.54
N SER B 19 13.62 23.18 -14.61
CA SER B 19 14.52 23.01 -13.47
C SER B 19 14.42 24.00 -12.32
N THR B 20 14.17 25.27 -12.63
CA THR B 20 14.10 26.32 -11.63
C THR B 20 12.79 26.40 -10.87
N GLY B 21 11.80 25.64 -11.30
CA GLY B 21 10.52 25.69 -10.61
C GLY B 21 10.52 24.85 -9.33
N SER B 22 9.37 24.80 -8.66
CA SER B 22 9.23 24.05 -7.41
C SER B 22 9.61 22.57 -7.54
N ILE B 23 9.04 21.90 -8.54
CA ILE B 23 9.31 20.50 -8.79
C ILE B 23 10.78 20.33 -9.19
N GLY B 24 11.26 21.24 -10.03
CA GLY B 24 12.63 21.19 -10.48
C GLY B 24 13.63 21.30 -9.33
N CYS B 25 13.36 22.21 -8.40
CA CYS B 25 14.24 22.40 -7.25
C CYS B 25 14.13 21.18 -6.35
N SER B 26 12.92 20.64 -6.22
CA SER B 26 12.76 19.45 -5.37
C SER B 26 13.51 18.30 -6.05
N THR B 27 13.42 18.23 -7.38
CA THR B 27 14.12 17.16 -8.10
C THR B 27 15.61 17.26 -7.84
N LEU B 28 16.15 18.47 -7.95
CA LEU B 28 17.57 18.69 -7.73
C LEU B 28 17.99 18.40 -6.29
N ASP B 29 17.06 18.52 -5.34
CA ASP B 29 17.42 18.22 -3.96
C ASP B 29 17.60 16.71 -3.85
N VAL B 30 16.78 15.96 -4.57
CA VAL B 30 16.89 14.51 -4.53
C VAL B 30 18.26 14.06 -5.06
N VAL B 31 18.70 14.62 -6.19
CA VAL B 31 20.00 14.24 -6.72
C VAL B 31 21.09 14.72 -5.76
N ARG B 32 20.88 15.88 -5.15
CA ARG B 32 21.83 16.44 -4.18
C ARG B 32 22.06 15.41 -3.07
N HIS B 33 21.00 14.70 -2.69
CA HIS B 33 21.09 13.65 -1.66
C HIS B 33 21.69 12.34 -2.18
N ASN B 34 21.75 12.17 -3.50
CA ASN B 34 22.27 10.94 -4.09
C ASN B 34 23.17 11.21 -5.28
N PRO B 35 24.27 11.95 -5.05
CA PRO B 35 25.24 12.33 -6.08
C PRO B 35 25.79 11.19 -6.94
N GLU B 36 25.95 10.01 -6.36
CA GLU B 36 26.50 8.86 -7.10
C GLU B 36 25.41 8.11 -7.87
N HIS B 37 24.15 8.46 -7.62
CA HIS B 37 23.03 7.81 -8.26
C HIS B 37 22.55 8.55 -9.52
N PHE B 38 22.68 9.87 -9.52
CA PHE B 38 22.21 10.66 -10.67
C PHE B 38 23.19 11.72 -11.16
N ARG B 39 23.18 11.94 -12.47
CA ARG B 39 24.02 12.94 -13.11
C ARG B 39 23.14 13.87 -13.94
N VAL B 40 23.15 15.16 -13.60
CA VAL B 40 22.35 16.13 -14.33
C VAL B 40 23.08 16.49 -15.62
N VAL B 41 22.55 16.04 -16.75
CA VAL B 41 23.15 16.31 -18.04
C VAL B 41 22.62 17.57 -18.70
N ALA B 42 21.36 17.92 -18.42
CA ALA B 42 20.78 19.11 -19.01
C ALA B 42 19.67 19.74 -18.17
N LEU B 43 19.73 21.06 -18.03
CA LEU B 43 18.71 21.80 -17.30
C LEU B 43 18.02 22.73 -18.29
N VAL B 44 16.71 22.84 -18.18
CA VAL B 44 15.92 23.69 -19.06
C VAL B 44 14.98 24.52 -18.21
N ALA B 45 14.94 25.83 -18.47
CA ALA B 45 14.04 26.72 -17.73
C ALA B 45 13.50 27.82 -18.63
N GLY B 46 12.85 28.81 -18.05
CA GLY B 46 12.27 29.87 -18.84
C GLY B 46 12.96 31.21 -18.73
N LYS B 47 12.74 31.92 -17.63
CA LYS B 47 13.34 33.23 -17.44
C LYS B 47 14.10 33.47 -16.13
N ASN B 48 13.97 32.54 -15.18
CA ASN B 48 14.67 32.70 -13.89
C ASN B 48 16.16 32.40 -14.07
N VAL B 49 16.89 33.38 -14.62
CA VAL B 49 18.32 33.24 -14.85
C VAL B 49 19.10 33.05 -13.54
N THR B 50 18.68 33.74 -12.50
CA THR B 50 19.32 33.67 -11.20
C THR B 50 19.41 32.23 -10.69
N ARG B 51 18.27 31.58 -10.59
CA ARG B 51 18.23 30.20 -10.11
C ARG B 51 18.98 29.28 -11.05
N MET B 52 18.82 29.47 -12.36
CA MET B 52 19.50 28.61 -13.32
C MET B 52 21.02 28.67 -13.15
N VAL B 53 21.56 29.84 -12.84
CA VAL B 53 23.00 29.97 -12.65
C VAL B 53 23.47 29.11 -11.47
N GLU B 54 22.82 29.26 -10.33
CA GLU B 54 23.21 28.47 -9.16
C GLU B 54 23.11 26.97 -9.40
N GLN B 55 22.09 26.56 -10.14
CA GLN B 55 21.90 25.15 -10.43
C GLN B 55 23.01 24.68 -11.36
N CYS B 56 23.37 25.51 -12.34
CA CYS B 56 24.44 25.13 -13.26
C CYS B 56 25.76 25.02 -12.52
N LEU B 57 25.98 25.94 -11.58
CA LEU B 57 27.21 25.95 -10.79
C LEU B 57 27.34 24.73 -9.87
N GLU B 58 26.21 24.26 -9.33
CA GLU B 58 26.24 23.11 -8.43
C GLU B 58 26.20 21.75 -9.13
N PHE B 59 25.40 21.64 -10.19
CA PHE B 59 25.26 20.38 -10.87
C PHE B 59 26.04 20.13 -12.16
N SER B 60 26.82 21.11 -12.58
CA SER B 60 27.67 20.96 -13.76
C SER B 60 27.02 20.29 -14.98
N PRO B 61 25.85 20.78 -15.42
CA PRO B 61 25.22 20.16 -16.57
C PRO B 61 26.03 20.44 -17.85
N ARG B 62 25.85 19.60 -18.86
CA ARG B 62 26.54 19.76 -20.13
C ARG B 62 25.90 20.97 -20.82
N TYR B 63 24.57 21.03 -20.80
CA TYR B 63 23.82 22.12 -21.42
C TYR B 63 22.85 22.78 -20.47
N ALA B 64 22.57 24.05 -20.72
CA ALA B 64 21.61 24.82 -19.96
C ALA B 64 20.78 25.53 -21.03
N VAL B 65 19.47 25.38 -20.99
CA VAL B 65 18.60 26.00 -21.99
C VAL B 65 17.58 26.93 -21.35
N MET B 66 17.47 28.14 -21.89
CA MET B 66 16.48 29.09 -21.39
C MET B 66 15.50 29.29 -22.53
N ASP B 67 14.24 29.53 -22.20
CA ASP B 67 13.21 29.75 -23.21
C ASP B 67 13.50 31.03 -23.98
N ASP B 68 13.62 32.12 -23.22
CA ASP B 68 13.88 33.45 -23.73
C ASP B 68 15.33 33.55 -24.23
N GLU B 69 15.51 34.14 -25.40
CA GLU B 69 16.84 34.31 -25.97
C GLU B 69 17.67 35.29 -25.14
N ALA B 70 17.00 36.34 -24.65
CA ALA B 70 17.65 37.35 -23.83
C ALA B 70 18.16 36.73 -22.54
N SER B 71 17.35 35.83 -21.97
CA SER B 71 17.72 35.15 -20.74
C SER B 71 18.93 34.26 -21.03
N ALA B 72 18.91 33.59 -22.17
CA ALA B 72 20.01 32.71 -22.55
C ALA B 72 21.31 33.51 -22.58
N LYS B 73 21.28 34.66 -23.26
CA LYS B 73 22.45 35.53 -23.36
C LYS B 73 22.92 35.99 -21.97
N LEU B 74 21.99 36.45 -21.14
CA LEU B 74 22.33 36.89 -19.80
C LEU B 74 22.90 35.73 -18.98
N LEU B 75 22.30 34.55 -19.10
CA LEU B 75 22.78 33.37 -18.37
C LEU B 75 24.20 33.07 -18.80
N LYS B 76 24.44 33.16 -20.10
CA LYS B 76 25.75 32.90 -20.70
C LYS B 76 26.84 33.78 -20.09
N THR B 77 26.55 35.07 -19.95
CA THR B 77 27.54 35.98 -19.40
C THR B 77 27.73 35.72 -17.90
N MET B 78 26.67 35.28 -17.24
CA MET B 78 26.73 34.96 -15.82
C MET B 78 27.70 33.80 -15.60
N LEU B 79 27.47 32.71 -16.32
CA LEU B 79 28.30 31.51 -16.20
C LEU B 79 29.76 31.74 -16.55
N GLN B 80 30.03 32.54 -17.58
CA GLN B 80 31.41 32.80 -17.96
C GLN B 80 32.11 33.58 -16.85
N GLN B 81 31.42 34.57 -16.30
CA GLN B 81 31.99 35.36 -15.22
C GLN B 81 32.33 34.45 -14.04
N GLN B 82 31.63 33.32 -13.95
CA GLN B 82 31.83 32.35 -12.87
C GLN B 82 32.75 31.21 -13.30
N GLY B 83 33.25 31.27 -14.53
CA GLY B 83 34.16 30.26 -15.03
C GLY B 83 33.56 28.93 -15.44
N SER B 84 32.23 28.85 -15.46
CA SER B 84 31.56 27.62 -15.86
C SER B 84 31.54 27.46 -17.38
N ARG B 85 31.81 26.25 -17.84
CA ARG B 85 31.85 25.95 -19.26
C ARG B 85 30.59 25.26 -19.79
N THR B 86 29.49 25.40 -19.04
CA THR B 86 28.21 24.80 -19.43
C THR B 86 27.76 25.44 -20.76
N GLU B 87 27.47 24.62 -21.76
CA GLU B 87 27.03 25.17 -23.04
C GLU B 87 25.60 25.70 -22.92
N VAL B 88 25.43 26.98 -23.21
CA VAL B 88 24.11 27.61 -23.13
C VAL B 88 23.38 27.70 -24.47
N LEU B 89 22.13 27.25 -24.46
CA LEU B 89 21.28 27.26 -25.64
C LEU B 89 20.00 28.02 -25.30
N SER B 90 19.12 28.21 -26.29
CA SER B 90 17.86 28.91 -26.07
C SER B 90 16.79 28.42 -27.04
N GLY B 91 15.52 28.57 -26.66
CA GLY B 91 14.45 28.16 -27.53
C GLY B 91 13.82 26.79 -27.34
N GLN B 92 12.64 26.63 -27.89
CA GLN B 92 11.86 25.39 -27.81
C GLN B 92 12.56 24.19 -28.46
N GLN B 93 13.02 24.35 -29.69
CA GLN B 93 13.69 23.25 -30.37
C GLN B 93 14.87 22.74 -29.52
N ALA B 94 15.56 23.67 -28.87
CA ALA B 94 16.69 23.32 -28.02
C ALA B 94 16.19 22.52 -26.81
N ALA B 95 15.06 22.93 -26.24
CA ALA B 95 14.49 22.25 -25.10
C ALA B 95 14.11 20.83 -25.49
N CYS B 96 13.62 20.66 -26.71
CA CYS B 96 13.23 19.35 -27.22
C CYS B 96 14.46 18.47 -27.41
N ASP B 97 15.53 19.06 -27.94
CA ASP B 97 16.75 18.30 -28.15
C ASP B 97 17.28 17.78 -26.81
N MET B 98 17.18 18.59 -25.76
CA MET B 98 17.67 18.16 -24.45
C MET B 98 16.89 16.95 -23.96
N ALA B 99 15.58 16.93 -24.25
CA ALA B 99 14.71 15.84 -23.83
C ALA B 99 14.95 14.54 -24.59
N ALA B 100 15.66 14.62 -25.71
CA ALA B 100 15.94 13.45 -26.54
C ALA B 100 17.41 13.01 -26.65
N LEU B 101 18.30 13.66 -25.89
CA LEU B 101 19.71 13.30 -25.94
C LEU B 101 19.91 11.78 -25.82
N GLU B 102 20.67 11.21 -26.74
CA GLU B 102 20.93 9.77 -26.76
C GLU B 102 21.39 9.20 -25.42
N ASP B 103 22.24 9.95 -24.71
CA ASP B 103 22.79 9.49 -23.43
C ASP B 103 21.88 9.58 -22.21
N VAL B 104 20.88 10.46 -22.23
CA VAL B 104 20.01 10.60 -21.06
C VAL B 104 19.04 9.44 -20.88
N ASP B 105 18.82 9.09 -19.62
CA ASP B 105 17.92 7.99 -19.27
C ASP B 105 16.53 8.49 -18.86
N GLN B 106 16.50 9.54 -18.05
CA GLN B 106 15.24 10.08 -17.57
C GLN B 106 15.05 11.55 -17.86
N VAL B 107 13.80 11.92 -18.07
CA VAL B 107 13.45 13.30 -18.34
C VAL B 107 12.39 13.73 -17.35
N MET B 108 12.73 14.66 -16.46
CA MET B 108 11.76 15.17 -15.50
C MET B 108 10.95 16.23 -16.24
N ALA B 109 9.73 15.84 -16.65
CA ALA B 109 8.89 16.76 -17.38
C ALA B 109 8.13 17.66 -16.42
N ALA B 110 8.75 18.77 -16.05
CA ALA B 110 8.16 19.70 -15.11
C ALA B 110 7.87 21.08 -15.69
N ILE B 111 7.92 21.24 -17.01
CA ILE B 111 7.60 22.53 -17.63
C ILE B 111 6.07 22.57 -17.62
N VAL B 112 5.52 23.58 -16.95
CA VAL B 112 4.08 23.78 -16.79
C VAL B 112 3.37 24.42 -18.01
N GLY B 113 2.14 24.02 -18.27
CA GLY B 113 1.42 24.59 -19.38
C GLY B 113 1.69 24.08 -20.79
N ALA B 114 1.13 24.78 -21.79
CA ALA B 114 1.28 24.39 -23.19
C ALA B 114 2.74 24.34 -23.58
N ALA B 115 3.56 25.06 -22.84
CA ALA B 115 4.98 25.11 -23.12
C ALA B 115 5.66 23.75 -22.96
N GLY B 116 5.13 22.92 -22.08
CA GLY B 116 5.72 21.62 -21.82
C GLY B 116 5.34 20.52 -22.81
N LEU B 117 4.34 20.78 -23.63
CA LEU B 117 3.85 19.81 -24.60
C LEU B 117 4.87 19.20 -25.55
N LEU B 118 5.52 20.01 -26.38
CA LEU B 118 6.51 19.49 -27.33
C LEU B 118 7.73 18.87 -26.67
N PRO B 119 8.29 19.54 -25.64
CA PRO B 119 9.48 18.95 -25.00
C PRO B 119 9.16 17.56 -24.42
N THR B 120 8.00 17.43 -23.79
CA THR B 120 7.59 16.15 -23.21
C THR B 120 7.39 15.10 -24.31
N LEU B 121 6.76 15.51 -25.40
CA LEU B 121 6.51 14.59 -26.51
C LEU B 121 7.83 14.12 -27.12
N ALA B 122 8.79 15.05 -27.17
CA ALA B 122 10.10 14.73 -27.72
C ALA B 122 10.76 13.64 -26.90
N ALA B 123 10.60 13.72 -25.58
CA ALA B 123 11.17 12.73 -24.67
C ALA B 123 10.48 11.40 -24.90
N ILE B 124 9.16 11.46 -25.06
CA ILE B 124 8.37 10.24 -25.31
C ILE B 124 8.83 9.60 -26.62
N ARG B 125 8.92 10.41 -27.68
CA ARG B 125 9.34 9.91 -28.99
C ARG B 125 10.70 9.23 -28.94
N ALA B 126 11.58 9.76 -28.09
CA ALA B 126 12.93 9.22 -27.92
C ALA B 126 12.93 7.99 -27.00
N GLY B 127 11.74 7.59 -26.56
CA GLY B 127 11.61 6.43 -25.68
C GLY B 127 12.27 6.57 -24.32
N LYS B 128 12.41 7.81 -23.85
CA LYS B 128 13.04 8.03 -22.54
C LYS B 128 12.08 7.64 -21.43
N THR B 129 12.61 7.52 -20.23
CA THR B 129 11.79 7.24 -19.07
C THR B 129 11.30 8.64 -18.68
N ILE B 130 9.98 8.84 -18.69
CA ILE B 130 9.43 10.15 -18.36
C ILE B 130 8.89 10.27 -16.93
N LEU B 131 9.46 11.22 -16.19
CA LEU B 131 9.02 11.49 -14.84
C LEU B 131 8.01 12.58 -15.12
N LEU B 132 6.76 12.19 -15.26
CA LEU B 132 5.69 13.11 -15.60
C LEU B 132 5.20 13.99 -14.45
N ALA B 133 5.60 15.25 -14.49
CA ALA B 133 5.22 16.22 -13.46
C ALA B 133 4.55 17.45 -14.05
N ASN B 134 3.59 17.21 -14.93
CA ASN B 134 2.83 18.31 -15.54
C ASN B 134 1.48 17.73 -15.93
N LYS B 135 0.43 18.51 -15.79
CA LYS B 135 -0.94 18.08 -16.10
C LYS B 135 -1.35 18.30 -17.56
N GLU B 136 -0.80 19.34 -18.16
CA GLU B 136 -1.11 19.70 -19.55
C GLU B 136 -1.10 18.51 -20.50
N SER B 137 -0.07 17.68 -20.36
CA SER B 137 0.10 16.51 -21.21
C SER B 137 -1.14 15.63 -21.35
N LEU B 138 -1.52 14.94 -20.28
CA LEU B 138 -2.67 14.04 -20.35
C LEU B 138 -4.02 14.74 -20.41
N VAL B 139 -4.15 15.87 -19.73
CA VAL B 139 -5.41 16.59 -19.75
C VAL B 139 -5.78 17.09 -21.14
N THR B 140 -4.79 17.54 -21.92
CA THR B 140 -5.05 18.05 -23.26
C THR B 140 -4.75 17.07 -24.39
N CYS B 141 -3.74 16.23 -24.22
CA CYS B 141 -3.36 15.27 -25.26
C CYS B 141 -3.35 13.85 -24.73
N GLY B 142 -4.38 13.50 -23.95
CA GLY B 142 -4.48 12.16 -23.38
C GLY B 142 -4.20 11.03 -24.35
N ARG B 143 -5.10 10.86 -25.32
CA ARG B 143 -4.96 9.79 -26.31
C ARG B 143 -3.73 9.95 -27.19
N LEU B 144 -3.45 11.19 -27.60
CA LEU B 144 -2.29 11.44 -28.45
C LEU B 144 -1.01 11.00 -27.74
N PHE B 145 -0.83 11.47 -26.51
CA PHE B 145 0.36 11.12 -25.74
C PHE B 145 0.40 9.65 -25.35
N MET B 146 -0.72 9.09 -24.88
CA MET B 146 -0.70 7.68 -24.50
C MET B 146 -0.37 6.79 -25.71
N ASP B 147 -0.84 7.19 -26.90
CA ASP B 147 -0.54 6.43 -28.10
C ASP B 147 0.93 6.59 -28.43
N ALA B 148 1.46 7.80 -28.22
CA ALA B 148 2.86 8.08 -28.48
C ALA B 148 3.77 7.22 -27.60
N VAL B 149 3.33 6.98 -26.36
CA VAL B 149 4.08 6.17 -25.41
C VAL B 149 4.10 4.70 -25.79
N LYS B 150 2.95 4.17 -26.18
CA LYS B 150 2.89 2.76 -26.56
C LYS B 150 3.81 2.54 -27.76
N GLN B 151 3.76 3.47 -28.72
CA GLN B 151 4.58 3.41 -29.93
C GLN B 151 6.06 3.26 -29.61
N SER B 152 6.64 4.29 -29.00
CA SER B 152 8.06 4.29 -28.65
C SER B 152 8.40 3.44 -27.43
N LYS B 153 7.37 2.86 -26.81
CA LYS B 153 7.58 2.03 -25.62
C LYS B 153 8.35 2.79 -24.55
N ALA B 154 7.98 4.05 -24.32
CA ALA B 154 8.63 4.87 -23.29
C ALA B 154 7.98 4.56 -21.95
N GLN B 155 8.74 4.70 -20.87
CA GLN B 155 8.24 4.43 -19.51
C GLN B 155 7.72 5.69 -18.83
N LEU B 156 6.43 5.71 -18.51
CA LEU B 156 5.84 6.85 -17.81
C LEU B 156 5.87 6.56 -16.32
N LEU B 157 6.28 7.55 -15.53
CA LEU B 157 6.32 7.42 -14.09
C LEU B 157 5.71 8.73 -13.58
N PRO B 158 4.47 8.67 -13.05
CA PRO B 158 3.78 9.85 -12.53
C PRO B 158 4.37 10.42 -11.25
N VAL B 159 4.64 11.72 -11.29
CA VAL B 159 5.23 12.44 -10.15
C VAL B 159 4.13 13.06 -9.30
N ASP B 160 3.00 13.35 -9.93
CA ASP B 160 1.87 13.92 -9.19
C ASP B 160 1.67 13.04 -7.96
N SER B 161 1.55 13.66 -6.79
CA SER B 161 1.40 12.89 -5.56
C SER B 161 0.37 11.75 -5.60
N GLU B 162 -0.83 12.05 -6.08
CA GLU B 162 -1.90 11.05 -6.15
C GLU B 162 -1.64 9.95 -7.17
N HIS B 163 -1.29 10.34 -8.41
CA HIS B 163 -1.01 9.35 -9.44
C HIS B 163 0.16 8.47 -9.03
N ASN B 164 1.11 9.07 -8.33
CA ASN B 164 2.28 8.37 -7.86
C ASN B 164 1.86 7.35 -6.80
N ALA B 165 1.02 7.80 -5.88
CA ALA B 165 0.52 6.94 -4.81
C ALA B 165 -0.23 5.78 -5.45
N ILE B 166 -1.04 6.07 -6.48
CA ILE B 166 -1.79 5.00 -7.16
C ILE B 166 -0.78 4.03 -7.84
N PHE B 167 0.23 4.59 -8.51
CA PHE B 167 1.23 3.78 -9.18
C PHE B 167 1.86 2.78 -8.20
N GLN B 168 2.27 3.27 -7.04
CA GLN B 168 2.89 2.43 -6.04
C GLN B 168 1.97 1.36 -5.47
N SER B 169 0.67 1.57 -5.60
CA SER B 169 -0.33 0.63 -5.07
C SER B 169 -0.88 -0.31 -6.15
N LEU B 170 -0.23 -0.30 -7.31
CA LEU B 170 -0.63 -1.13 -8.46
C LEU B 170 0.32 -2.32 -8.69
N PRO B 171 -0.15 -3.40 -9.35
CA PRO B 171 0.72 -4.55 -9.57
C PRO B 171 1.74 -4.27 -10.68
N GLN B 172 2.86 -4.99 -10.66
CA GLN B 172 3.91 -4.77 -11.66
C GLN B 172 3.51 -4.83 -13.13
N PRO B 173 2.63 -5.79 -13.50
CA PRO B 173 2.25 -5.84 -14.91
C PRO B 173 1.58 -4.54 -15.39
N ILE B 174 1.00 -3.77 -14.47
CA ILE B 174 0.37 -2.51 -14.84
C ILE B 174 1.44 -1.41 -14.84
N GLN B 175 2.32 -1.42 -13.85
CA GLN B 175 3.40 -0.42 -13.78
C GLN B 175 4.13 -0.41 -15.12
N HIS B 176 4.46 -1.58 -15.62
CA HIS B 176 5.07 -1.67 -16.94
C HIS B 176 3.76 -1.75 -17.72
N ASN B 177 3.73 -1.29 -18.96
CA ASN B 177 2.48 -1.33 -19.72
C ASN B 177 1.44 -0.36 -19.15
N LEU B 178 1.92 0.70 -18.50
CA LEU B 178 1.04 1.69 -17.90
C LEU B 178 0.15 2.32 -18.97
N GLY B 179 -1.16 2.20 -18.81
CA GLY B 179 -2.06 2.80 -19.78
C GLY B 179 -2.70 1.82 -20.75
N TYR B 180 -2.00 0.73 -21.07
CA TYR B 180 -2.56 -0.25 -21.99
C TYR B 180 -2.91 -1.60 -21.35
N ALA B 181 -2.23 -1.96 -20.28
CA ALA B 181 -2.54 -3.22 -19.60
C ALA B 181 -3.97 -3.12 -19.08
N ASP B 182 -4.65 -4.26 -18.94
CA ASP B 182 -6.02 -4.29 -18.47
C ASP B 182 -6.11 -4.34 -16.94
N LEU B 183 -6.98 -3.50 -16.37
CA LEU B 183 -7.15 -3.45 -14.93
C LEU B 183 -7.83 -4.68 -14.33
N GLU B 184 -9.01 -5.04 -14.84
CA GLU B 184 -9.70 -6.21 -14.32
C GLU B 184 -8.81 -7.46 -14.39
N GLN B 185 -8.18 -7.65 -15.54
CA GLN B 185 -7.28 -8.78 -15.74
C GLN B 185 -6.25 -8.88 -14.64
N ASN B 186 -5.78 -7.73 -14.17
CA ASN B 186 -4.78 -7.72 -13.11
C ASN B 186 -5.33 -7.58 -11.70
N GLY B 187 -6.60 -7.92 -11.54
CA GLY B 187 -7.22 -7.89 -10.22
C GLY B 187 -7.61 -6.54 -9.63
N VAL B 188 -7.56 -5.48 -10.43
CA VAL B 188 -7.93 -4.16 -9.94
C VAL B 188 -9.40 -3.84 -10.19
N VAL B 189 -10.11 -3.54 -9.11
CA VAL B 189 -11.52 -3.19 -9.18
C VAL B 189 -11.68 -1.69 -9.47
N SER B 190 -10.89 -0.86 -8.78
CA SER B 190 -10.96 0.58 -9.00
C SER B 190 -9.77 1.37 -8.46
N ILE B 191 -9.67 2.61 -8.93
CA ILE B 191 -8.62 3.54 -8.54
C ILE B 191 -9.27 4.54 -7.58
N LEU B 192 -8.76 4.64 -6.36
CA LEU B 192 -9.34 5.57 -5.41
C LEU B 192 -8.49 6.84 -5.34
N LEU B 193 -9.00 7.89 -5.97
CA LEU B 193 -8.34 9.19 -6.03
C LEU B 193 -8.79 10.03 -4.82
N THR B 194 -7.84 10.42 -3.98
CA THR B 194 -8.16 11.20 -2.80
C THR B 194 -7.77 12.67 -2.93
N GLY B 195 -8.48 13.51 -2.19
CA GLY B 195 -8.23 14.95 -2.18
C GLY B 195 -8.69 15.52 -0.85
N SER B 196 -8.13 16.67 -0.46
CA SER B 196 -8.49 17.27 0.82
C SER B 196 -9.86 17.92 0.88
N GLY B 197 -10.38 18.35 -0.26
CA GLY B 197 -11.68 19.00 -0.24
C GLY B 197 -11.51 20.51 -0.10
N GLY B 198 -10.26 20.90 0.18
CA GLY B 198 -9.95 22.32 0.28
C GLY B 198 -10.43 23.03 1.54
N PRO B 199 -10.26 24.36 1.58
CA PRO B 199 -10.66 25.17 2.74
C PRO B 199 -12.16 25.34 2.96
N PHE B 200 -12.95 25.18 1.90
CA PHE B 200 -14.40 25.36 2.01
C PHE B 200 -15.15 24.04 2.13
N ARG B 201 -14.50 23.04 2.70
CA ARG B 201 -15.14 21.75 2.86
C ARG B 201 -16.43 21.82 3.67
N GLU B 202 -16.43 22.57 4.77
CA GLU B 202 -17.64 22.67 5.60
C GLU B 202 -18.33 24.03 5.58
N THR B 203 -17.95 24.87 4.63
CA THR B 203 -18.54 26.20 4.51
C THR B 203 -19.98 26.12 4.00
N PRO B 204 -20.89 26.89 4.61
CA PRO B 204 -22.28 26.83 4.14
C PRO B 204 -22.28 27.18 2.64
N LEU B 205 -23.01 26.42 1.84
CA LEU B 205 -23.04 26.67 0.41
C LEU B 205 -23.34 28.13 0.05
N ARG B 206 -24.23 28.76 0.83
CA ARG B 206 -24.62 30.14 0.58
C ARG B 206 -23.48 31.16 0.71
N ASP B 207 -22.48 30.85 1.53
CA ASP B 207 -21.35 31.74 1.75
C ASP B 207 -20.23 31.63 0.70
N LEU B 208 -20.23 30.55 -0.07
CA LEU B 208 -19.18 30.32 -1.07
C LEU B 208 -19.04 31.47 -2.07
N ALA B 209 -20.17 32.08 -2.46
CA ALA B 209 -20.14 33.17 -3.42
C ALA B 209 -19.38 34.40 -2.92
N THR B 210 -19.19 34.52 -1.61
CA THR B 210 -18.47 35.67 -1.08
C THR B 210 -17.06 35.38 -0.59
N MET B 211 -16.61 34.13 -0.70
CA MET B 211 -15.27 33.79 -0.25
C MET B 211 -14.22 34.62 -1.03
N THR B 212 -13.19 35.04 -0.33
CA THR B 212 -12.12 35.86 -0.91
C THR B 212 -10.90 35.08 -1.40
N PRO B 213 -10.11 35.66 -2.32
CA PRO B 213 -8.93 34.96 -2.81
C PRO B 213 -8.07 34.50 -1.65
N ASP B 214 -7.91 35.35 -0.64
CA ASP B 214 -7.11 34.97 0.52
C ASP B 214 -7.69 33.77 1.26
N GLN B 215 -9.01 33.73 1.41
CA GLN B 215 -9.65 32.60 2.10
C GLN B 215 -9.52 31.34 1.24
N ALA B 216 -9.72 31.51 -0.06
CA ALA B 216 -9.64 30.41 -1.00
C ALA B 216 -8.25 29.79 -1.09
N CYS B 217 -7.22 30.60 -0.85
CA CYS B 217 -5.86 30.11 -0.94
C CYS B 217 -5.29 29.55 0.36
N ARG B 218 -6.09 29.50 1.41
CA ARG B 218 -5.61 28.94 2.67
C ARG B 218 -5.48 27.43 2.56
N HIS B 219 -4.44 26.86 3.15
CA HIS B 219 -4.24 25.43 3.12
C HIS B 219 -3.10 25.00 4.02
N PRO B 220 -3.38 24.10 4.96
CA PRO B 220 -2.35 23.59 5.88
C PRO B 220 -1.65 22.47 5.11
N ASN B 221 -2.23 22.17 3.94
CA ASN B 221 -1.78 21.10 3.04
C ASN B 221 -0.35 21.17 2.55
N TRP B 222 -0.26 21.09 1.23
CA TRP B 222 0.99 21.10 0.51
C TRP B 222 1.41 22.53 0.24
N SER B 223 2.60 22.72 -0.33
CA SER B 223 3.09 24.06 -0.66
C SER B 223 2.83 24.27 -2.14
N MET B 224 1.70 24.89 -2.46
CA MET B 224 1.31 25.15 -3.84
C MET B 224 1.08 26.64 -4.11
N GLY B 225 1.10 27.00 -5.39
CA GLY B 225 0.88 28.39 -5.76
C GLY B 225 -0.58 28.76 -5.49
N ARG B 226 -0.93 30.02 -5.74
CA ARG B 226 -2.31 30.45 -5.50
C ARG B 226 -3.27 29.80 -6.50
N LYS B 227 -2.84 29.65 -7.75
CA LYS B 227 -3.68 29.02 -8.77
C LYS B 227 -4.07 27.61 -8.35
N ILE B 228 -3.09 26.80 -7.99
CA ILE B 228 -3.35 25.43 -7.56
C ILE B 228 -4.15 25.43 -6.26
N SER B 229 -3.96 26.46 -5.44
CA SER B 229 -4.68 26.56 -4.18
C SER B 229 -6.18 26.66 -4.49
N VAL B 230 -6.51 27.55 -5.42
CA VAL B 230 -7.90 27.76 -5.81
C VAL B 230 -8.48 26.47 -6.40
N ASP B 231 -7.68 25.79 -7.23
CA ASP B 231 -8.11 24.54 -7.87
C ASP B 231 -8.46 23.49 -6.81
N SER B 232 -7.81 23.59 -5.66
CA SER B 232 -8.06 22.66 -4.55
C SER B 232 -9.35 23.02 -3.82
N ALA B 233 -9.75 24.30 -3.86
CA ALA B 233 -10.98 24.73 -3.19
C ALA B 233 -12.21 24.47 -4.05
N THR B 234 -12.02 24.39 -5.37
CA THR B 234 -13.11 24.14 -6.30
C THR B 234 -13.10 22.66 -6.64
N MET B 235 -11.98 22.02 -6.33
CA MET B 235 -11.70 20.63 -6.64
C MET B 235 -11.58 20.40 -8.13
N MET B 236 -11.25 21.47 -8.84
CA MET B 236 -11.00 21.39 -10.29
C MET B 236 -9.68 20.62 -10.36
N ASN B 237 -8.84 20.77 -9.35
CA ASN B 237 -7.57 20.06 -9.34
C ASN B 237 -7.87 18.57 -9.39
N LYS B 238 -8.77 18.11 -8.52
CA LYS B 238 -9.11 16.70 -8.50
C LYS B 238 -9.79 16.30 -9.81
N GLY B 239 -10.54 17.22 -10.39
CA GLY B 239 -11.21 16.93 -11.65
C GLY B 239 -10.18 16.66 -12.74
N LEU B 240 -9.12 17.46 -12.76
CA LEU B 240 -8.05 17.32 -13.74
C LEU B 240 -7.30 16.00 -13.52
N GLU B 241 -7.07 15.65 -12.26
CA GLU B 241 -6.38 14.41 -11.93
C GLU B 241 -7.26 13.21 -12.30
N TYR B 242 -8.58 13.41 -12.30
CA TYR B 242 -9.51 12.34 -12.67
C TYR B 242 -9.32 12.04 -14.17
N ILE B 243 -9.23 13.10 -14.97
CA ILE B 243 -9.04 12.98 -16.41
C ILE B 243 -7.72 12.26 -16.73
N GLU B 244 -6.64 12.68 -16.07
CA GLU B 244 -5.33 12.08 -16.29
C GLU B 244 -5.28 10.62 -15.92
N ALA B 245 -5.79 10.33 -14.72
CA ALA B 245 -5.82 8.98 -14.18
C ALA B 245 -6.53 8.03 -15.12
N ARG B 246 -7.58 8.52 -15.77
CA ARG B 246 -8.33 7.70 -16.69
C ARG B 246 -7.42 7.27 -17.85
N TRP B 247 -6.66 8.22 -18.40
CA TRP B 247 -5.75 7.94 -19.51
C TRP B 247 -4.57 7.10 -19.06
N LEU B 248 -3.95 7.57 -17.98
CA LEU B 248 -2.76 6.97 -17.39
C LEU B 248 -2.93 5.52 -16.93
N PHE B 249 -4.05 5.22 -16.29
CA PHE B 249 -4.28 3.87 -15.79
C PHE B 249 -5.28 3.05 -16.58
N ASN B 250 -5.65 3.54 -17.76
CA ASN B 250 -6.61 2.83 -18.61
C ASN B 250 -7.86 2.46 -17.79
N ALA B 251 -8.40 3.43 -17.08
CA ALA B 251 -9.56 3.22 -16.23
C ALA B 251 -10.83 3.81 -16.82
N SER B 252 -11.93 3.08 -16.68
CA SER B 252 -13.21 3.54 -17.16
C SER B 252 -13.84 4.32 -16.01
N ALA B 253 -14.98 4.95 -16.27
CA ALA B 253 -15.69 5.74 -15.26
C ALA B 253 -16.03 4.92 -14.01
N SER B 254 -16.54 3.71 -14.21
CA SER B 254 -16.92 2.86 -13.08
C SER B 254 -15.69 2.41 -12.28
N GLN B 255 -14.54 2.42 -12.92
CA GLN B 255 -13.30 2.01 -12.27
C GLN B 255 -12.61 3.14 -11.53
N MET B 256 -13.27 4.30 -11.45
CA MET B 256 -12.72 5.46 -10.75
C MET B 256 -13.61 5.87 -9.58
N GLU B 257 -12.99 6.18 -8.44
CA GLU B 257 -13.73 6.63 -7.26
C GLU B 257 -13.02 7.89 -6.76
N VAL B 258 -13.78 8.91 -6.42
CA VAL B 258 -13.17 10.13 -5.90
C VAL B 258 -13.56 10.23 -4.42
N LEU B 259 -12.56 10.45 -3.58
CA LEU B 259 -12.83 10.48 -2.16
C LEU B 259 -12.18 11.67 -1.46
N ILE B 260 -12.95 12.34 -0.62
CA ILE B 260 -12.42 13.46 0.15
C ILE B 260 -11.77 12.85 1.40
N HIS B 261 -10.56 13.32 1.70
CA HIS B 261 -9.77 12.87 2.83
C HIS B 261 -9.05 14.13 3.31
N PRO B 262 -9.70 14.90 4.19
CA PRO B 262 -9.17 16.16 4.74
C PRO B 262 -7.73 16.21 5.21
N GLN B 263 -7.28 15.17 5.90
CA GLN B 263 -5.92 15.17 6.44
C GLN B 263 -4.81 15.01 5.41
N SER B 264 -5.15 14.45 4.24
CA SER B 264 -4.17 14.25 3.17
C SER B 264 -2.96 13.40 3.55
N VAL B 265 -3.13 12.49 4.50
CA VAL B 265 -2.04 11.61 4.89
C VAL B 265 -2.00 10.50 3.84
N ILE B 266 -3.16 9.93 3.51
CA ILE B 266 -3.24 8.91 2.45
C ILE B 266 -3.23 9.76 1.19
N HIS B 267 -2.43 9.39 0.19
CA HIS B 267 -2.34 10.18 -1.03
C HIS B 267 -3.19 9.66 -2.18
N SER B 268 -3.68 8.43 -2.03
CA SER B 268 -4.57 7.75 -2.98
C SER B 268 -4.46 6.26 -2.79
N MET B 269 -5.40 5.50 -3.36
CA MET B 269 -5.42 4.06 -3.16
C MET B 269 -5.90 3.26 -4.38
N VAL B 270 -5.81 1.94 -4.27
CA VAL B 270 -6.22 1.02 -5.33
C VAL B 270 -6.99 -0.15 -4.69
N ARG B 271 -8.21 -0.39 -5.19
CA ARG B 271 -9.07 -1.44 -4.66
C ARG B 271 -8.95 -2.73 -5.48
N TYR B 272 -8.74 -3.86 -4.79
CA TYR B 272 -8.60 -5.15 -5.46
C TYR B 272 -9.77 -6.12 -5.31
N GLN B 273 -9.81 -7.08 -6.22
CA GLN B 273 -10.85 -8.11 -6.27
C GLN B 273 -11.05 -8.89 -4.98
N ASP B 274 -9.98 -9.20 -4.27
CA ASP B 274 -10.15 -9.96 -3.03
C ASP B 274 -10.59 -9.05 -1.88
N GLY B 275 -10.77 -7.77 -2.16
CA GLY B 275 -11.21 -6.85 -1.13
C GLY B 275 -10.10 -5.97 -0.57
N SER B 276 -8.84 -6.33 -0.86
CA SER B 276 -7.70 -5.57 -0.37
C SER B 276 -7.69 -4.17 -0.98
N VAL B 277 -7.24 -3.21 -0.20
CA VAL B 277 -7.09 -1.85 -0.68
C VAL B 277 -5.65 -1.47 -0.34
N LEU B 278 -4.85 -1.17 -1.35
CA LEU B 278 -3.47 -0.79 -1.11
C LEU B 278 -3.37 0.74 -1.22
N ALA B 279 -2.61 1.34 -0.31
CA ALA B 279 -2.46 2.78 -0.30
C ALA B 279 -1.05 3.24 0.01
N GLN B 280 -0.75 4.49 -0.37
CA GLN B 280 0.54 5.08 -0.07
C GLN B 280 0.23 6.27 0.83
N LEU B 281 0.98 6.37 1.92
CA LEU B 281 0.85 7.45 2.88
C LEU B 281 2.20 8.14 2.93
N GLY B 282 2.22 9.34 3.51
CA GLY B 282 3.47 10.08 3.61
C GLY B 282 3.24 11.54 3.95
N GLU B 283 4.33 12.28 4.06
CA GLU B 283 4.29 13.70 4.37
C GLU B 283 3.93 14.46 3.09
N PRO B 284 3.50 15.72 3.23
CA PRO B 284 3.13 16.56 2.08
C PRO B 284 4.39 17.15 1.45
N ASP B 285 5.27 16.31 0.91
CA ASP B 285 6.53 16.78 0.33
C ASP B 285 6.76 16.07 -1.01
N MET B 286 6.81 16.85 -2.09
CA MET B 286 6.99 16.28 -3.42
C MET B 286 8.28 15.50 -3.62
N ARG B 287 9.25 15.68 -2.73
CA ARG B 287 10.51 14.96 -2.87
C ARG B 287 10.29 13.45 -2.78
N THR B 288 9.27 13.06 -2.03
CA THR B 288 8.97 11.64 -1.87
C THR B 288 8.56 11.01 -3.21
N PRO B 289 7.47 11.49 -3.83
CA PRO B 289 7.10 10.87 -5.12
C PRO B 289 8.16 11.08 -6.21
N ILE B 290 8.81 12.25 -6.21
CA ILE B 290 9.87 12.50 -7.20
C ILE B 290 10.97 11.46 -7.04
N ALA B 291 11.41 11.23 -5.80
CA ALA B 291 12.46 10.26 -5.51
C ALA B 291 11.98 8.85 -5.86
N HIS B 292 10.69 8.58 -5.66
CA HIS B 292 10.17 7.27 -6.01
C HIS B 292 10.33 7.03 -7.50
N THR B 293 9.98 8.02 -8.31
CA THR B 293 10.07 7.84 -9.75
C THR B 293 11.52 7.77 -10.21
N MET B 294 12.38 8.59 -9.61
CA MET B 294 13.79 8.60 -10.00
C MET B 294 14.50 7.28 -9.71
N ALA B 295 14.13 6.63 -8.62
CA ALA B 295 14.76 5.37 -8.22
C ALA B 295 14.08 4.09 -8.70
N TRP B 296 12.79 4.17 -9.03
CA TRP B 296 12.04 3.00 -9.48
C TRP B 296 12.90 2.06 -10.33
N PRO B 297 12.85 0.74 -10.06
CA PRO B 297 12.05 0.06 -9.03
C PRO B 297 12.72 0.00 -7.65
N ASN B 298 13.82 0.73 -7.46
CA ASN B 298 14.51 0.75 -6.17
C ASN B 298 14.13 2.04 -5.44
N ARG B 299 14.77 2.31 -4.30
CA ARG B 299 14.48 3.51 -3.52
C ARG B 299 15.77 4.23 -3.16
N VAL B 300 15.64 5.52 -2.81
CA VAL B 300 16.76 6.35 -2.37
C VAL B 300 16.25 7.34 -1.33
N ASN B 301 17.16 7.88 -0.53
CA ASN B 301 16.77 8.87 0.47
C ASN B 301 16.35 10.11 -0.32
N SER B 302 15.30 10.78 0.16
CA SER B 302 14.78 11.97 -0.49
C SER B 302 14.90 13.20 0.41
N GLY B 303 15.35 12.97 1.63
CA GLY B 303 15.47 14.08 2.56
C GLY B 303 14.17 14.37 3.30
N VAL B 304 13.11 13.64 2.97
CA VAL B 304 11.83 13.82 3.62
C VAL B 304 11.83 13.09 4.96
N LYS B 305 11.42 13.78 6.01
CA LYS B 305 11.39 13.15 7.33
C LYS B 305 10.32 12.06 7.37
N PRO B 306 10.54 11.02 8.19
CA PRO B 306 9.58 9.92 8.30
C PRO B 306 8.23 10.33 8.90
N LEU B 307 7.16 9.84 8.28
CA LEU B 307 5.81 10.14 8.72
C LEU B 307 5.63 9.62 10.15
N ASP B 308 5.30 10.51 11.08
CA ASP B 308 5.10 10.13 12.48
C ASP B 308 3.62 9.84 12.73
N PHE B 309 3.27 8.56 12.87
CA PHE B 309 1.86 8.19 13.09
C PHE B 309 1.31 8.60 14.46
N CYS B 310 2.21 8.95 15.38
CA CYS B 310 1.78 9.37 16.71
C CYS B 310 1.47 10.86 16.81
N LYS B 311 1.68 11.60 15.71
CA LYS B 311 1.41 13.04 15.68
C LYS B 311 0.50 13.38 14.50
N LEU B 312 -0.57 12.61 14.35
CA LEU B 312 -1.50 12.80 13.25
C LEU B 312 -2.91 13.14 13.75
N SER B 313 -3.70 13.76 12.88
CA SER B 313 -5.08 14.08 13.19
C SER B 313 -5.79 12.79 12.76
N ALA B 314 -6.93 12.49 13.38
CA ALA B 314 -7.68 11.30 13.00
C ALA B 314 -7.91 11.38 11.48
N LEU B 315 -7.84 10.23 10.81
CA LEU B 315 -8.04 10.18 9.36
C LEU B 315 -9.50 9.93 8.99
N THR B 316 -10.08 10.82 8.18
CA THR B 316 -11.47 10.70 7.76
C THR B 316 -11.67 10.70 6.24
N PHE B 317 -12.84 10.23 5.81
CA PHE B 317 -13.17 10.12 4.40
C PHE B 317 -14.63 10.55 4.18
N ALA B 318 -14.92 11.05 2.99
CA ALA B 318 -16.29 11.46 2.65
C ALA B 318 -16.49 11.47 1.14
N ALA B 319 -17.74 11.35 0.72
CA ALA B 319 -18.04 11.38 -0.70
C ALA B 319 -18.22 12.84 -1.10
N PRO B 320 -17.66 13.21 -2.26
CA PRO B 320 -17.74 14.59 -2.76
C PRO B 320 -19.18 14.99 -3.13
N ASP B 321 -19.62 16.13 -2.64
CA ASP B 321 -20.94 16.65 -2.95
C ASP B 321 -20.80 17.57 -4.17
N TYR B 322 -21.30 17.15 -5.33
CA TYR B 322 -21.19 17.96 -6.55
C TYR B 322 -21.80 19.36 -6.45
N ASP B 323 -22.76 19.57 -5.56
CA ASP B 323 -23.37 20.89 -5.42
C ASP B 323 -22.35 21.86 -4.85
N ARG B 324 -21.39 21.30 -4.11
CA ARG B 324 -20.31 22.07 -3.50
C ARG B 324 -19.08 22.14 -4.42
N TYR B 325 -18.88 21.08 -5.21
CA TYR B 325 -17.74 20.99 -6.14
C TYR B 325 -18.17 20.75 -7.58
N PRO B 326 -18.90 21.69 -8.18
CA PRO B 326 -19.33 21.51 -9.58
C PRO B 326 -18.18 21.33 -10.58
N CYS B 327 -17.01 21.88 -10.27
CA CYS B 327 -15.89 21.71 -11.19
C CYS B 327 -15.52 20.23 -11.32
N LEU B 328 -15.64 19.48 -10.23
CA LEU B 328 -15.32 18.06 -10.24
C LEU B 328 -16.26 17.28 -11.16
N LYS B 329 -17.54 17.61 -11.13
CA LYS B 329 -18.52 16.93 -11.98
C LYS B 329 -18.30 17.39 -13.41
N LEU B 330 -17.92 18.66 -13.54
CA LEU B 330 -17.67 19.24 -14.86
C LEU B 330 -16.52 18.53 -15.58
N ALA B 331 -15.44 18.26 -14.85
CA ALA B 331 -14.27 17.58 -15.42
C ALA B 331 -14.64 16.16 -15.83
N MET B 332 -15.47 15.50 -15.03
CA MET B 332 -15.89 14.14 -15.30
C MET B 332 -16.76 14.08 -16.56
N GLU B 333 -17.61 15.08 -16.73
CA GLU B 333 -18.47 15.12 -17.90
C GLU B 333 -17.66 15.49 -19.14
N ALA B 334 -16.70 16.40 -18.97
CA ALA B 334 -15.86 16.81 -20.09
C ALA B 334 -15.06 15.64 -20.64
N PHE B 335 -14.62 14.73 -19.77
CA PHE B 335 -13.84 13.58 -20.23
C PHE B 335 -14.65 12.78 -21.25
N GLU B 336 -15.93 12.58 -20.96
CA GLU B 336 -16.81 11.82 -21.85
C GLU B 336 -16.86 12.43 -23.25
N GLN B 337 -16.80 13.75 -23.31
CA GLN B 337 -16.87 14.48 -24.57
C GLN B 337 -15.63 14.38 -25.45
N GLY B 338 -14.45 14.40 -24.84
CA GLY B 338 -13.25 14.30 -25.64
C GLY B 338 -12.16 15.25 -25.20
N GLN B 339 -10.99 15.14 -25.84
CA GLN B 339 -9.86 15.99 -25.51
C GLN B 339 -10.12 17.47 -25.80
N ALA B 340 -11.08 17.75 -26.66
CA ALA B 340 -11.40 19.14 -26.98
C ALA B 340 -12.08 19.78 -25.77
N ALA B 341 -12.95 19.00 -25.13
CA ALA B 341 -13.66 19.48 -23.95
C ALA B 341 -12.69 19.61 -22.77
N THR B 342 -11.88 18.57 -22.53
CA THR B 342 -10.94 18.64 -21.42
C THR B 342 -9.91 19.74 -21.63
N THR B 343 -9.48 19.93 -22.87
CA THR B 343 -8.52 20.98 -23.19
C THR B 343 -9.16 22.35 -22.97
N ALA B 344 -10.41 22.49 -23.41
CA ALA B 344 -11.15 23.73 -23.26
C ALA B 344 -11.46 24.04 -21.80
N LEU B 345 -11.81 23.00 -21.04
CA LEU B 345 -12.12 23.17 -19.62
C LEU B 345 -10.87 23.65 -18.89
N ASN B 346 -9.74 23.03 -19.20
CA ASN B 346 -8.49 23.38 -18.56
C ASN B 346 -8.11 24.83 -18.90
N ALA B 347 -8.25 25.19 -20.17
CA ALA B 347 -7.93 26.54 -20.61
C ALA B 347 -8.83 27.56 -19.94
N ALA B 348 -10.13 27.32 -19.99
CA ALA B 348 -11.10 28.23 -19.40
C ALA B 348 -10.82 28.45 -17.91
N ASN B 349 -10.54 27.37 -17.20
CA ASN B 349 -10.28 27.43 -15.76
C ASN B 349 -9.07 28.31 -15.42
N GLU B 350 -8.05 28.28 -16.26
CA GLU B 350 -6.88 29.11 -16.01
C GLU B 350 -7.28 30.57 -16.06
N ILE B 351 -8.15 30.91 -17.01
CA ILE B 351 -8.63 32.27 -17.17
C ILE B 351 -9.55 32.71 -16.01
N THR B 352 -10.55 31.90 -15.68
CA THR B 352 -11.47 32.26 -14.61
C THR B 352 -10.81 32.30 -13.23
N VAL B 353 -9.89 31.37 -12.96
CA VAL B 353 -9.21 31.39 -11.67
C VAL B 353 -8.33 32.66 -11.54
N ALA B 354 -7.68 33.05 -12.63
CA ALA B 354 -6.86 34.24 -12.61
C ALA B 354 -7.79 35.44 -12.41
N ALA B 355 -8.95 35.37 -13.04
CA ALA B 355 -9.94 36.43 -12.90
C ALA B 355 -10.36 36.53 -11.43
N PHE B 356 -10.60 35.39 -10.80
CA PHE B 356 -11.00 35.38 -9.39
C PHE B 356 -9.89 35.95 -8.49
N LEU B 357 -8.65 35.57 -8.77
CA LEU B 357 -7.52 36.06 -7.99
C LEU B 357 -7.34 37.57 -8.13
N ALA B 358 -7.70 38.11 -9.29
CA ALA B 358 -7.57 39.55 -9.53
C ALA B 358 -8.87 40.24 -9.14
N GLN B 359 -9.74 39.52 -8.44
CA GLN B 359 -11.01 40.04 -7.98
C GLN B 359 -11.95 40.62 -9.03
N GLN B 360 -11.94 40.03 -10.22
CA GLN B 360 -12.81 40.46 -11.29
C GLN B 360 -14.13 39.69 -11.20
N ILE B 361 -14.07 38.47 -10.69
CA ILE B 361 -15.26 37.63 -10.53
C ILE B 361 -15.26 36.97 -9.16
N ARG B 362 -16.38 36.37 -8.79
CA ARG B 362 -16.51 35.70 -7.51
C ARG B 362 -16.06 34.25 -7.58
N PHE B 363 -15.78 33.67 -6.41
CA PHE B 363 -15.35 32.28 -6.32
C PHE B 363 -16.28 31.33 -7.05
N THR B 364 -17.58 31.47 -6.84
CA THR B 364 -18.57 30.61 -7.49
C THR B 364 -18.73 30.86 -8.98
N ASP B 365 -18.13 31.93 -9.49
CA ASP B 365 -18.21 32.24 -10.91
C ASP B 365 -17.21 31.38 -11.70
N ILE B 366 -16.21 30.85 -11.01
CA ILE B 366 -15.21 30.00 -11.64
C ILE B 366 -15.89 28.81 -12.31
N ALA B 367 -16.68 28.08 -11.54
CA ALA B 367 -17.37 26.92 -12.06
C ALA B 367 -18.43 27.34 -13.08
N ALA B 368 -19.18 28.40 -12.77
CA ALA B 368 -20.24 28.87 -13.66
C ALA B 368 -19.67 29.24 -15.04
N LEU B 369 -18.61 30.05 -15.06
CA LEU B 369 -18.00 30.45 -16.33
C LEU B 369 -17.30 29.27 -17.02
N ASN B 370 -16.68 28.38 -16.25
CA ASN B 370 -16.01 27.23 -16.85
C ASN B 370 -17.08 26.47 -17.66
N LEU B 371 -18.22 26.23 -17.04
CA LEU B 371 -19.31 25.51 -17.70
C LEU B 371 -19.80 26.27 -18.92
N SER B 372 -19.99 27.57 -18.77
CA SER B 372 -20.46 28.41 -19.87
C SER B 372 -19.56 28.29 -21.10
N VAL B 373 -18.24 28.28 -20.89
CA VAL B 373 -17.32 28.16 -22.02
C VAL B 373 -17.50 26.84 -22.78
N LEU B 374 -17.63 25.75 -22.04
CA LEU B 374 -17.81 24.44 -22.67
C LEU B 374 -19.12 24.35 -23.43
N GLU B 375 -20.14 25.04 -22.95
CA GLU B 375 -21.44 25.04 -23.59
C GLU B 375 -21.42 25.81 -24.90
N LYS B 376 -20.63 26.88 -24.94
CA LYS B 376 -20.55 27.72 -26.12
C LYS B 376 -19.65 27.21 -27.24
N MET B 377 -18.56 26.55 -26.88
CA MET B 377 -17.62 26.08 -27.88
C MET B 377 -18.07 24.93 -28.78
N ASP B 378 -17.96 23.71 -28.29
CA ASP B 378 -18.35 22.54 -29.07
C ASP B 378 -17.44 22.37 -30.30
N MET B 379 -16.13 22.30 -30.08
CA MET B 379 -15.18 22.12 -31.16
C MET B 379 -15.03 20.63 -31.45
N ARG B 380 -14.22 20.28 -32.45
CA ARG B 380 -14.01 18.88 -32.81
C ARG B 380 -12.76 18.25 -32.19
N GLU B 381 -12.81 16.93 -32.05
CA GLU B 381 -11.71 16.16 -31.47
C GLU B 381 -10.38 16.46 -32.16
N PRO B 382 -9.46 17.13 -31.45
CA PRO B 382 -8.16 17.47 -32.03
C PRO B 382 -7.44 16.21 -32.49
N GLN B 383 -6.48 16.36 -33.40
CA GLN B 383 -5.75 15.20 -33.89
C GLN B 383 -4.23 15.38 -33.89
N CYS B 384 -3.75 16.39 -33.16
CA CYS B 384 -2.32 16.66 -33.06
C CYS B 384 -2.12 17.82 -32.10
N VAL B 385 -0.88 18.05 -31.70
CA VAL B 385 -0.58 19.13 -30.78
C VAL B 385 -1.08 20.50 -31.26
N ASP B 386 -0.93 20.80 -32.54
CA ASP B 386 -1.39 22.07 -33.06
C ASP B 386 -2.91 22.23 -32.91
N ASP B 387 -3.63 21.12 -33.06
CA ASP B 387 -5.09 21.17 -32.92
C ASP B 387 -5.49 21.49 -31.49
N VAL B 388 -4.84 20.86 -30.51
CA VAL B 388 -5.18 21.13 -29.12
C VAL B 388 -4.76 22.54 -28.74
N LEU B 389 -3.61 22.99 -29.26
CA LEU B 389 -3.15 24.35 -28.96
C LEU B 389 -4.18 25.34 -29.47
N SER B 390 -4.84 25.00 -30.57
CA SER B 390 -5.85 25.86 -31.16
C SER B 390 -7.11 25.91 -30.30
N VAL B 391 -7.50 24.76 -29.76
CA VAL B 391 -8.69 24.68 -28.91
C VAL B 391 -8.43 25.48 -27.64
N ASP B 392 -7.22 25.34 -27.10
CA ASP B 392 -6.83 26.06 -25.90
C ASP B 392 -6.95 27.57 -26.12
N ALA B 393 -6.40 28.02 -27.24
CA ALA B 393 -6.44 29.45 -27.58
C ALA B 393 -7.87 29.95 -27.62
N ASN B 394 -8.71 29.29 -28.40
CA ASN B 394 -10.11 29.67 -28.52
C ASN B 394 -10.83 29.65 -27.17
N ALA B 395 -10.65 28.58 -26.40
CA ALA B 395 -11.29 28.49 -25.09
C ALA B 395 -10.93 29.69 -24.22
N ARG B 396 -9.66 30.09 -24.27
CA ARG B 396 -9.19 31.24 -23.49
C ARG B 396 -9.87 32.54 -23.89
N GLU B 397 -9.99 32.80 -25.19
CA GLU B 397 -10.64 34.02 -25.62
C GLU B 397 -12.12 34.00 -25.24
N VAL B 398 -12.76 32.84 -25.32
CA VAL B 398 -14.17 32.78 -24.93
C VAL B 398 -14.25 33.10 -23.44
N ALA B 399 -13.34 32.52 -22.66
CA ALA B 399 -13.31 32.73 -21.22
C ALA B 399 -13.06 34.20 -20.86
N ARG B 400 -12.15 34.85 -21.58
CA ARG B 400 -11.85 36.26 -21.33
C ARG B 400 -13.07 37.13 -21.60
N LYS B 401 -13.82 36.81 -22.65
CA LYS B 401 -15.02 37.58 -22.96
C LYS B 401 -16.08 37.39 -21.88
N GLU B 402 -16.19 36.16 -21.37
CA GLU B 402 -17.14 35.84 -20.30
C GLU B 402 -16.78 36.67 -19.07
N VAL B 403 -15.50 36.67 -18.72
CA VAL B 403 -15.03 37.42 -17.58
C VAL B 403 -15.34 38.90 -17.74
N MET B 404 -15.04 39.44 -18.93
CA MET B 404 -15.26 40.85 -19.19
C MET B 404 -16.72 41.29 -19.19
N ARG B 405 -17.60 40.51 -19.80
CA ARG B 405 -19.00 40.90 -19.83
C ARG B 405 -19.62 40.77 -18.44
N LEU B 406 -19.01 39.95 -17.60
CA LEU B 406 -19.51 39.74 -16.25
C LEU B 406 -19.03 40.88 -15.34
N ALA B 407 -17.82 41.37 -15.59
CA ALA B 407 -17.24 42.45 -14.79
C ALA B 407 -17.83 43.81 -15.20
N SER B 408 -18.49 43.84 -16.35
CA SER B 408 -19.10 45.08 -16.83
C SER B 408 -20.63 45.02 -16.77
MG MG C . -3.03 -12.09 13.45
O2 FOM D . -4.08 -10.37 14.64
N1 FOM D . -5.29 -10.24 14.17
C1 FOM D . -5.64 -10.80 12.99
O1 FOM D . -5.02 -11.46 12.21
C2 FOM D . -6.27 -9.45 14.96
C3 FOM D . -6.38 -9.91 16.44
C4 FOM D . -6.01 -8.84 17.52
PA1 FOM D . -5.42 -7.22 17.00
OP1 FOM D . -4.14 -7.43 16.06
OP2 FOM D . -6.50 -6.51 16.07
OP3 FOM D . -5.05 -6.20 18.15
PA NDP E . -9.45 -24.01 14.26
O1A NDP E . -8.72 -23.91 15.33
O2A NDP E . -10.55 -23.04 13.67
O5B NDP E . -8.81 -25.02 13.13
C5B NDP E . -7.70 -26.09 13.60
C4B NDP E . -7.71 -27.17 12.50
O4B NDP E . -6.61 -28.16 12.31
C3B NDP E . -8.95 -28.12 12.65
O3B NDP E . -9.42 -28.16 11.20
C2B NDP E . -8.48 -29.59 13.18
O2B NDP E . -9.65 -29.85 12.45
C1B NDP E . -7.08 -29.51 12.58
N9A NDP E . -6.17 -29.94 13.57
C8A NDP E . -5.93 -29.59 14.90
N7A NDP E . -5.01 -30.45 15.36
C5A NDP E . -4.61 -31.29 14.33
C6A NDP E . -3.68 -32.36 14.12
N6A NDP E . -2.93 -32.85 15.09
N1A NDP E . -3.64 -33.01 12.87
C2A NDP E . -4.42 -32.55 11.86
N3A NDP E . -5.31 -31.55 11.95
C4A NDP E . -5.35 -30.98 13.20
O3 NDP E . -8.60 -22.89 13.57
PN NDP E . -7.82 -21.59 12.86
O1N NDP E . -8.79 -20.80 12.20
O2N NDP E . -7.39 -22.21 11.92
O5D NDP E . -6.26 -21.19 12.92
C5D NDP E . -5.37 -21.61 13.82
C4D NDP E . -4.10 -21.07 13.25
O4D NDP E . -4.03 -20.07 12.21
C3D NDP E . -3.08 -21.04 14.29
O3D NDP E . -1.90 -21.53 13.67
C2D NDP E . -3.40 -19.45 14.44
O2D NDP E . -2.59 -18.77 15.34
C1D NDP E . -3.28 -18.99 12.93
N1N NDP E . -4.04 -17.80 12.38
C2N NDP E . -5.52 -17.77 12.52
C3N NDP E . -6.25 -16.74 12.01
C7N NDP E . -7.78 -16.59 12.08
O7N NDP E . -8.33 -15.62 11.56
N7N NDP E . -8.46 -17.63 12.70
C4N NDP E . -5.58 -15.51 11.21
C5N NDP E . -4.04 -15.73 11.18
C6N NDP E . -3.40 -16.76 11.66
P2B NDP E . -10.71 -30.57 13.37
O1X NDP E . -11.62 -29.42 13.90
O2X NDP E . -11.30 -31.52 12.46
O3X NDP E . -10.05 -31.17 14.63
MG MG F . -1.82 16.52 -7.32
O2 FOM G . -2.89 17.45 -5.76
N1 FOM G . -2.01 17.48 -4.81
C1 FOM G . -0.75 17.02 -5.02
O1 FOM G . -0.25 16.56 -5.99
C2 FOM G . -2.41 18.00 -3.48
C3 FOM G . -3.09 19.40 -3.53
C4 FOM G . -4.18 19.55 -2.46
PA1 FOM G . -5.78 18.89 -2.90
OP1 FOM G . -6.23 19.56 -4.28
OP2 FOM G . -5.66 17.34 -3.22
OP3 FOM G . -6.93 19.04 -1.82
PA NDP H . 7.09 26.43 -11.54
O1A NDP H . 5.93 26.78 -12.07
O2A NDP H . 7.49 26.21 -10.06
O5B NDP H . 8.07 25.69 -12.65
C5B NDP H . 7.85 25.98 -14.21
C4B NDP H . 9.24 25.74 -14.86
O4B NDP H . 9.43 25.49 -16.29
C3B NDP H . 10.19 26.96 -14.62
O3B NDP H . 11.43 26.20 -14.22
C2B NDP H . 10.40 27.78 -16.01
O2B NDP H . 11.55 28.05 -15.26
C1B NDP H . 10.21 26.57 -16.92
N9A NDP H . 9.32 26.96 -17.97
C8A NDP H . 8.09 27.64 -18.03
N7A NDP H . 7.83 27.84 -19.33
C5A NDP H . 8.81 27.23 -20.09
C6A NDP H . 9.11 27.04 -21.49
N6A NDP H . 8.37 27.53 -22.48
N1A NDP H . 10.32 26.37 -21.85
C2A NDP H . 11.12 25.88 -20.86
N3A NDP H . 10.91 26.01 -19.54
C4A NDP H . 9.76 26.68 -19.23
O3 NDP H . 6.56 24.99 -11.29
PN NDP H . 6.03 23.47 -10.79
O1N NDP H . 6.37 23.25 -9.46
O2N NDP H . 6.91 22.86 -11.35
O5D NDP H . 5.19 22.39 -11.67
C5D NDP H . 4.48 22.66 -12.79
C4D NDP H . 3.86 21.32 -13.02
O4D NDP H . 3.97 20.21 -12.15
C3D NDP H . 2.57 21.59 -13.75
O3D NDP H . 2.74 20.84 -14.94
C2D NDP H . 1.75 21.00 -12.47
O2D NDP H . 0.38 20.84 -12.67
C1D NDP H . 2.58 19.70 -12.15
N1N NDP H . 2.60 19.02 -10.81
C2N NDP H . 3.08 19.78 -9.64
C3N NDP H . 3.16 19.21 -8.40
C7N NDP H . 3.66 19.89 -7.13
O7N NDP H . 3.70 19.26 -6.09
N7N NDP H . 4.10 21.21 -7.28
C4N NDP H . 2.75 17.68 -8.12
C5N NDP H . 2.25 17.07 -9.46
C6N NDP H . 2.23 17.67 -10.63
P2B NDP H . 11.76 29.59 -15.14
O1X NDP H . 11.08 29.98 -13.82
O2X NDP H . 13.18 29.68 -15.20
O3X NDP H . 11.01 30.36 -16.26
#